data_6YK1
#
_entry.id   6YK1
#
_cell.length_a   279.380
_cell.length_b   53.037
_cell.length_c   110.149
_cell.angle_alpha   90.00
_cell.angle_beta   91.64
_cell.angle_gamma   90.00
#
_symmetry.space_group_name_H-M   'C 1 2 1'
#
loop_
_entity.id
_entity.type
_entity.pdbx_description
1 polymer 'Pyridoxal kinase'
2 non-polymer GLYCEROL
3 non-polymer 'TETRAETHYLENE GLYCOL'
4 non-polymer Artesunate
5 non-polymer 'PHOSPHOTHIOPHOSPHORIC ACID-ADENYLATE ESTER'
6 non-polymer 1,2-ETHANEDIOL
7 water water
#
_entity_poly.entity_id   1
_entity_poly.type   'polypeptide(L)'
_entity_poly.pdbx_seq_one_letter_code
;GPMEGECRVLSIQSHVVRGYVGNRAAMFPLQVLGFEVDAVNSVQFSNHTGYAHWKGQVLKSQELHELYEGLKVNDVNKYD
YVLTGYTRDKSFLAMVVDIVRELKQQNSRLVYVCDPVMGDKWNGEGSMYVPQDLLPVYRDKVVPVADIITPNQFEAELLS
GRKIHSQEEAFEVMDMLHCMGPDTVVITSSDLPSSQGSDYLIALGSQRMRKPDGSTVTQRIRMEMRKVEAVFVGTGDLFA
AMLLAWTHKHPDNLKVACEKTVSAMQHVLQRTIRCAKAEAGEGQKPSPAQLELRMVQSKRDIEDPEIVVQATVL
;
_entity_poly.pdbx_strand_id   A,B,C,D
#
# COMPACT_ATOMS: atom_id res chain seq x y z
N GLU A 6 15.53 0.29 26.49
CA GLU A 6 15.72 -0.99 27.19
C GLU A 6 14.50 -1.88 27.03
N CYS A 7 13.48 -1.63 27.84
CA CYS A 7 12.26 -2.44 27.87
C CYS A 7 11.12 -1.65 27.23
N ARG A 8 10.59 -2.17 26.14
CA ARG A 8 9.52 -1.50 25.39
C ARG A 8 8.24 -2.33 25.47
N VAL A 9 7.14 -1.67 25.81
CA VAL A 9 5.84 -2.30 25.98
C VAL A 9 4.90 -1.75 24.91
N LEU A 10 4.24 -2.66 24.19
CA LEU A 10 3.16 -2.29 23.27
C LEU A 10 1.84 -2.43 24.02
N SER A 11 1.21 -1.29 24.33
CA SER A 11 -0.04 -1.27 25.07
C SER A 11 -1.17 -0.83 24.14
N ILE A 12 -2.15 -1.72 23.97
CA ILE A 12 -3.28 -1.51 23.06
C ILE A 12 -4.51 -1.39 23.94
N GLN A 13 -4.95 -0.16 24.21
CA GLN A 13 -6.04 0.05 25.16
C GLN A 13 -6.79 1.33 24.81
N SER A 14 -7.79 1.63 25.63
CA SER A 14 -8.66 2.77 25.42
C SER A 14 -7.97 4.06 25.82
N HIS A 15 -8.47 5.18 25.28
CA HIS A 15 -8.02 6.51 25.64
C HIS A 15 -9.22 7.35 25.98
N VAL A 16 -9.13 8.09 27.09
CA VAL A 16 -10.14 9.07 27.47
C VAL A 16 -9.48 10.44 27.51
N VAL A 17 -10.21 11.45 27.06
CA VAL A 17 -9.69 12.82 27.12
C VAL A 17 -9.49 13.23 28.58
N ARG A 18 -10.52 13.07 29.40
CA ARG A 18 -10.44 13.28 30.84
C ARG A 18 -10.44 11.93 31.55
N GLY A 19 -9.57 11.79 32.53
CA GLY A 19 -9.62 10.68 33.45
C GLY A 19 -8.50 9.67 33.22
N TYR A 20 -8.62 8.55 33.92
CA TYR A 20 -7.58 7.51 33.92
C TYR A 20 -8.25 6.14 33.79
N VAL A 21 -8.35 5.66 32.56
CA VAL A 21 -8.73 4.29 32.24
C VAL A 21 -7.90 3.87 31.04
N GLY A 22 -7.74 2.56 30.89
CA GLY A 22 -6.99 2.06 29.76
C GLY A 22 -5.59 2.65 29.71
N ASN A 23 -5.18 3.06 28.50
CA ASN A 23 -3.82 3.57 28.32
C ASN A 23 -3.52 4.74 29.25
N ARG A 24 -4.51 5.61 29.47
CA ARG A 24 -4.29 6.74 30.37
C ARG A 24 -3.84 6.27 31.74
N ALA A 25 -4.44 5.20 32.25
CA ALA A 25 -4.08 4.65 33.55
C ALA A 25 -2.86 3.74 33.48
N ALA A 26 -2.38 3.38 32.29
CA ALA A 26 -1.28 2.45 32.13
C ALA A 26 0.01 3.10 31.69
N MET A 27 -0.04 4.06 30.77
CA MET A 27 1.20 4.57 30.19
C MET A 27 1.97 5.44 31.18
N PHE A 28 1.25 6.27 31.96
CA PHE A 28 1.95 7.13 32.90
C PHE A 28 2.73 6.34 33.95
N PRO A 29 2.13 5.41 34.68
CA PRO A 29 2.95 4.61 35.62
C PRO A 29 4.10 3.90 34.93
N LEU A 30 3.83 3.20 33.83
CA LEU A 30 4.90 2.49 33.14
C LEU A 30 6.03 3.43 32.72
N GLN A 31 5.67 4.59 32.15
CA GLN A 31 6.70 5.57 31.79
C GLN A 31 7.47 6.03 33.02
N VAL A 32 6.77 6.22 34.15
CA VAL A 32 7.42 6.67 35.36
C VAL A 32 8.25 5.56 35.98
N LEU A 33 7.97 4.30 35.64
CA LEU A 33 8.76 3.17 36.11
C LEU A 33 9.88 2.80 35.14
N GLY A 34 10.16 3.62 34.13
CA GLY A 34 11.31 3.43 33.27
C GLY A 34 11.07 2.64 32.01
N PHE A 35 9.82 2.28 31.70
CA PHE A 35 9.51 1.55 30.48
C PHE A 35 9.18 2.52 29.36
N GLU A 36 9.69 2.23 28.17
CA GLU A 36 9.21 2.88 26.96
C GLU A 36 7.89 2.23 26.56
N VAL A 37 6.93 3.05 26.14
CA VAL A 37 5.58 2.57 25.86
C VAL A 37 5.16 3.04 24.49
N ASP A 38 4.90 2.08 23.59
CA ASP A 38 4.20 2.35 22.33
C ASP A 38 2.71 2.12 22.57
N ALA A 39 1.90 3.17 22.39
CA ALA A 39 0.51 3.18 22.81
C ALA A 39 -0.40 3.23 21.60
N VAL A 40 -1.17 2.17 21.39
CA VAL A 40 -2.27 2.16 20.43
C VAL A 40 -3.56 2.36 21.18
N ASN A 41 -4.22 3.48 20.91
CA ASN A 41 -5.46 3.86 21.59
C ASN A 41 -6.62 3.19 20.88
N SER A 42 -7.17 2.14 21.50
CA SER A 42 -8.24 1.37 20.88
C SER A 42 -9.50 2.20 20.64
N VAL A 43 -9.71 3.25 21.44
CA VAL A 43 -10.82 4.18 21.25
C VAL A 43 -10.40 5.54 21.78
N GLN A 44 -11.23 6.55 21.52
CA GLN A 44 -11.04 7.88 22.11
C GLN A 44 -12.41 8.39 22.53
N PHE A 45 -12.63 8.51 23.84
CA PHE A 45 -13.87 9.01 24.39
C PHE A 45 -13.59 10.20 25.30
N SER A 46 -14.60 11.05 25.47
CA SER A 46 -14.45 12.22 26.34
C SER A 46 -14.12 11.79 27.76
N ASN A 47 -14.74 10.71 28.22
CA ASN A 47 -14.62 10.23 29.59
C ASN A 47 -15.22 8.83 29.63
N HIS A 48 -15.05 8.16 30.76
CA HIS A 48 -15.53 6.77 30.83
C HIS A 48 -17.04 6.75 31.09
N THR A 49 -17.62 5.55 30.95
CA THR A 49 -19.07 5.38 30.90
C THR A 49 -19.75 5.63 32.24
N GLY A 50 -18.99 5.81 33.33
CA GLY A 50 -19.61 6.08 34.62
C GLY A 50 -20.15 7.50 34.76
N TYR A 51 -19.74 8.40 33.88
CA TYR A 51 -20.29 9.74 33.89
C TYR A 51 -21.73 9.73 33.36
N ALA A 52 -22.42 10.85 33.55
CA ALA A 52 -23.77 10.97 33.01
C ALA A 52 -23.77 10.77 31.50
N HIS A 53 -22.78 11.34 30.81
CA HIS A 53 -22.74 11.32 29.35
C HIS A 53 -21.32 11.08 28.88
N TRP A 54 -21.20 10.71 27.61
CA TRP A 54 -19.90 10.48 27.00
C TRP A 54 -20.06 10.58 25.48
N LYS A 55 -18.94 10.84 24.81
CA LYS A 55 -18.90 10.85 23.35
C LYS A 55 -17.51 10.41 22.93
N GLY A 56 -17.43 9.81 21.74
CA GLY A 56 -16.14 9.39 21.25
C GLY A 56 -16.25 8.50 20.02
N GLN A 57 -15.11 7.96 19.65
CA GLN A 57 -14.95 7.14 18.46
C GLN A 57 -14.22 5.84 18.81
N VAL A 58 -14.43 4.83 17.98
CA VAL A 58 -13.88 3.50 18.17
C VAL A 58 -12.92 3.19 17.04
N LEU A 59 -11.75 2.67 17.32
CA LEU A 59 -10.85 2.31 16.26
C LEU A 59 -11.21 0.93 15.75
N LYS A 60 -11.18 0.74 14.46
CA LYS A 60 -11.49 -0.53 13.88
C LYS A 60 -10.31 -1.40 13.86
N SER A 61 -10.52 -2.69 13.71
CA SER A 61 -9.45 -3.66 13.69
C SER A 61 -8.49 -3.45 12.56
N GLN A 62 -9.02 -3.08 11.42
CA GLN A 62 -8.25 -2.80 10.25
C GLN A 62 -7.31 -1.64 10.45
N GLU A 63 -7.75 -0.62 11.15
CA GLU A 63 -6.93 0.51 11.49
C GLU A 63 -5.82 0.11 12.41
N LEU A 64 -6.10 -0.78 13.33
CA LEU A 64 -5.12 -1.32 14.24
C LEU A 64 -4.09 -2.07 13.49
N HIS A 65 -4.53 -2.85 12.53
CA HIS A 65 -3.66 -3.58 11.70
C HIS A 65 -2.77 -2.65 10.90
N GLU A 66 -3.30 -1.55 10.41
CA GLU A 66 -2.52 -0.57 9.71
C GLU A 66 -1.50 0.09 10.55
N LEU A 67 -1.83 0.40 11.78
CA LEU A 67 -0.88 1.00 12.64
C LEU A 67 0.24 0.05 12.94
N TYR A 68 -0.07 -1.20 13.20
CA TYR A 68 0.97 -2.20 13.43
C TYR A 68 1.83 -2.40 12.18
N GLU A 69 1.20 -2.41 11.00
CA GLU A 69 1.95 -2.57 9.76
C GLU A 69 2.83 -1.35 9.49
N GLY A 70 2.42 -0.17 9.94
CA GLY A 70 3.30 0.98 9.85
C GLY A 70 4.53 0.82 10.73
N LEU A 71 4.34 0.26 11.92
CA LEU A 71 5.49 -0.06 12.76
C LEU A 71 6.38 -1.11 12.10
N LYS A 72 5.76 -2.13 11.49
CA LYS A 72 6.50 -3.24 10.89
C LYS A 72 7.30 -2.78 9.67
N VAL A 73 6.68 -1.98 8.80
CA VAL A 73 7.33 -1.52 7.58
C VAL A 73 8.58 -0.70 7.91
N ASN A 74 8.58 -0.02 9.05
CA ASN A 74 9.72 0.76 9.49
C ASN A 74 10.69 -0.05 10.35
N ASP A 75 10.43 -1.33 10.54
CA ASP A 75 11.34 -2.21 11.28
C ASP A 75 11.50 -1.76 12.73
N VAL A 76 10.40 -1.28 13.33
CA VAL A 76 10.40 -0.89 14.73
C VAL A 76 9.21 -1.54 15.43
N ASN A 77 8.80 -2.71 14.96
CA ASN A 77 7.79 -3.53 15.64
C ASN A 77 8.47 -4.58 16.52
N LYS A 78 9.34 -4.11 17.41
CA LYS A 78 10.15 -4.98 18.25
C LYS A 78 9.91 -4.61 19.71
N TYR A 79 9.47 -5.60 20.50
CA TYR A 79 8.97 -5.34 21.83
C TYR A 79 9.42 -6.42 22.79
N ASP A 80 9.48 -6.05 24.08
CA ASP A 80 9.65 -7.00 25.16
C ASP A 80 8.35 -7.38 25.83
N TYR A 81 7.32 -6.55 25.71
CA TYR A 81 6.05 -6.76 26.39
C TYR A 81 4.90 -6.32 25.51
N VAL A 82 3.76 -6.98 25.68
CA VAL A 82 2.48 -6.57 25.09
C VAL A 82 1.46 -6.51 26.21
N LEU A 83 0.72 -5.41 26.28
CA LEU A 83 -0.27 -5.16 27.33
C LEU A 83 -1.61 -4.88 26.69
N THR A 84 -2.65 -5.60 27.14
CA THR A 84 -4.00 -5.41 26.64
C THR A 84 -4.98 -5.46 27.80
N GLY A 85 -6.18 -4.93 27.56
CA GLY A 85 -7.23 -4.96 28.57
C GLY A 85 -8.62 -5.02 27.97
N TYR A 86 -9.45 -4.03 28.28
CA TYR A 86 -10.86 -4.05 27.90
C TYR A 86 -11.00 -3.87 26.39
N THR A 87 -11.61 -4.86 25.73
CA THR A 87 -11.98 -4.79 24.33
C THR A 87 -13.37 -5.41 24.19
N ARG A 88 -14.15 -4.90 23.23
CA ARG A 88 -15.50 -5.39 22.99
C ARG A 88 -15.69 -6.06 21.64
N ASP A 89 -14.75 -5.89 20.70
CA ASP A 89 -14.88 -6.45 19.37
C ASP A 89 -14.06 -7.73 19.25
N LYS A 90 -14.68 -8.80 18.74
CA LYS A 90 -13.96 -10.04 18.49
C LYS A 90 -12.88 -9.84 17.44
N SER A 91 -13.18 -9.04 16.40
CA SER A 91 -12.19 -8.77 15.36
C SER A 91 -10.94 -8.13 15.95
N PHE A 92 -11.12 -7.15 16.83
CA PHE A 92 -9.98 -6.49 17.46
C PHE A 92 -9.15 -7.47 18.27
N LEU A 93 -9.82 -8.31 19.09
CA LEU A 93 -9.12 -9.30 19.89
C LEU A 93 -8.32 -10.26 19.01
N ALA A 94 -8.95 -10.70 17.95
CA ALA A 94 -8.33 -11.58 17.04
C ALA A 94 -7.10 -10.99 16.44
N MET A 95 -7.12 -9.72 16.08
CA MET A 95 -6.00 -9.04 15.53
C MET A 95 -4.87 -8.94 16.52
N VAL A 96 -5.21 -8.70 17.76
CA VAL A 96 -4.27 -8.59 18.82
C VAL A 96 -3.57 -9.91 19.01
N VAL A 97 -4.28 -11.00 18.93
CA VAL A 97 -3.67 -12.32 19.05
C VAL A 97 -2.70 -12.57 17.90
N ASP A 98 -3.07 -12.18 16.69
CA ASP A 98 -2.17 -12.36 15.54
C ASP A 98 -0.89 -11.55 15.75
N ILE A 99 -1.01 -10.33 16.25
CA ILE A 99 0.15 -9.50 16.50
C ILE A 99 1.06 -10.15 17.54
N VAL A 100 0.46 -10.66 18.62
CA VAL A 100 1.25 -11.32 19.66
C VAL A 100 1.98 -12.52 19.08
N ARG A 101 1.30 -13.30 18.24
CA ARG A 101 1.93 -14.49 17.66
C ARG A 101 3.13 -14.12 16.81
N GLU A 102 2.99 -13.10 15.95
CA GLU A 102 4.12 -12.70 15.12
C GLU A 102 5.27 -12.15 15.97
N LEU A 103 4.96 -11.30 16.95
CA LEU A 103 6.00 -10.74 17.79
C LEU A 103 6.73 -11.84 18.55
N LYS A 104 6.01 -12.86 19.00
CA LYS A 104 6.64 -13.97 19.70
C LYS A 104 7.49 -14.81 18.75
N GLN A 105 7.08 -14.92 17.48
CA GLN A 105 7.94 -15.58 16.50
C GLN A 105 9.24 -14.80 16.30
N GLN A 106 9.20 -13.47 16.42
CA GLN A 106 10.43 -12.69 16.29
C GLN A 106 11.26 -12.71 17.57
N ASN A 107 10.63 -12.62 18.74
CA ASN A 107 11.32 -12.72 20.02
C ASN A 107 10.63 -13.79 20.86
N SER A 108 11.33 -14.88 21.14
CA SER A 108 10.77 -15.95 21.95
C SER A 108 10.57 -15.55 23.40
N ARG A 109 11.15 -14.43 23.83
CA ARG A 109 11.09 -14.00 25.22
C ARG A 109 10.06 -12.90 25.47
N LEU A 110 9.16 -12.66 24.52
CA LEU A 110 8.15 -11.63 24.71
C LEU A 110 7.08 -12.11 25.69
N VAL A 111 6.71 -11.23 26.62
CA VAL A 111 5.72 -11.53 27.65
C VAL A 111 4.44 -10.75 27.32
N TYR A 112 3.33 -11.46 27.20
CA TYR A 112 2.03 -10.86 26.92
C TYR A 112 1.23 -10.81 28.22
N VAL A 113 1.06 -9.61 28.76
CA VAL A 113 0.26 -9.40 29.96
C VAL A 113 -1.16 -9.04 29.51
N CYS A 114 -2.13 -9.86 29.91
CA CYS A 114 -3.51 -9.72 29.47
C CYS A 114 -4.45 -9.60 30.66
N ASP A 115 -5.36 -8.64 30.65
CA ASP A 115 -6.40 -8.58 31.60
C ASP A 115 -7.57 -8.98 30.79
N PRO A 116 -8.16 -10.10 31.09
CA PRO A 116 -9.28 -10.55 30.29
C PRO A 116 -10.57 -9.98 30.77
N VAL A 117 -10.79 -8.71 30.56
CA VAL A 117 -11.96 -8.05 31.04
C VAL A 117 -13.25 -8.52 30.40
N MET A 118 -14.13 -9.15 31.16
CA MET A 118 -15.43 -9.62 30.70
C MET A 118 -16.58 -9.31 31.64
N GLY A 119 -16.34 -9.08 32.93
CA GLY A 119 -17.42 -8.82 33.86
C GLY A 119 -16.90 -8.77 35.28
N ASP A 120 -17.81 -8.69 36.25
CA ASP A 120 -17.47 -8.56 37.63
C ASP A 120 -18.65 -9.02 38.49
N LYS A 121 -18.47 -9.02 39.80
CA LYS A 121 -19.47 -9.43 40.78
C LYS A 121 -20.08 -10.78 40.43
N GLY A 126 -23.39 -10.31 39.68
CA GLY A 126 -23.20 -10.97 38.39
C GLY A 126 -23.53 -10.07 37.23
N SER A 127 -22.51 -9.69 36.46
CA SER A 127 -22.72 -8.76 35.35
C SER A 127 -21.58 -8.93 34.35
N MET A 128 -21.89 -9.44 33.16
CA MET A 128 -20.94 -9.49 32.06
C MET A 128 -21.10 -8.20 31.24
N TYR A 129 -20.06 -7.38 31.21
CA TYR A 129 -20.11 -6.20 30.44
C TYR A 129 -19.23 -6.31 29.23
N VAL A 130 -19.30 -7.43 28.56
CA VAL A 130 -18.63 -7.67 27.29
C VAL A 130 -19.52 -8.56 26.43
N PRO A 131 -19.51 -8.41 25.11
CA PRO A 131 -20.23 -9.36 24.25
C PRO A 131 -19.84 -10.80 24.57
N GLN A 132 -20.86 -11.68 24.63
CA GLN A 132 -20.63 -13.10 24.85
C GLN A 132 -19.80 -13.72 23.73
N ASP A 133 -19.69 -13.05 22.58
CA ASP A 133 -18.82 -13.52 21.52
C ASP A 133 -17.37 -13.62 21.98
N LEU A 134 -16.99 -12.90 23.03
CA LEU A 134 -15.59 -12.78 23.40
C LEU A 134 -15.10 -13.89 24.32
N LEU A 135 -15.97 -14.44 25.19
CA LEU A 135 -15.51 -15.49 26.09
C LEU A 135 -14.88 -16.66 25.33
N PRO A 136 -15.51 -17.21 24.29
CA PRO A 136 -14.80 -18.22 23.49
C PRO A 136 -13.47 -17.74 22.95
N VAL A 137 -13.38 -16.45 22.59
CA VAL A 137 -12.15 -15.93 21.99
C VAL A 137 -11.07 -15.79 23.05
N TYR A 138 -11.42 -15.26 24.22
CA TYR A 138 -10.45 -15.19 25.31
C TYR A 138 -9.98 -16.58 25.72
N ARG A 139 -10.90 -17.55 25.73
CA ARG A 139 -10.56 -18.87 26.24
C ARG A 139 -9.69 -19.64 25.24
N ASP A 140 -9.98 -19.52 23.94
CA ASP A 140 -9.36 -20.38 22.94
C ASP A 140 -8.23 -19.72 22.17
N LYS A 141 -8.10 -18.40 22.21
CA LYS A 141 -7.09 -17.72 21.39
C LYS A 141 -6.19 -16.79 22.20
N VAL A 142 -6.74 -16.05 23.16
CA VAL A 142 -5.99 -15.00 23.84
C VAL A 142 -5.21 -15.60 25.01
N VAL A 143 -5.92 -16.21 25.96
CA VAL A 143 -5.26 -16.81 27.12
C VAL A 143 -4.20 -17.80 26.68
N PRO A 144 -4.40 -18.61 25.63
CA PRO A 144 -3.33 -19.54 25.23
C PRO A 144 -2.00 -18.88 24.89
N VAL A 145 -1.99 -17.68 24.31
CA VAL A 145 -0.73 -17.00 24.00
C VAL A 145 -0.32 -15.99 25.07
N ALA A 146 -1.10 -15.87 26.14
CA ALA A 146 -0.77 -14.94 27.22
C ALA A 146 0.18 -15.58 28.20
N ASP A 147 1.01 -14.75 28.83
CA ASP A 147 2.01 -15.19 29.79
C ASP A 147 1.72 -14.72 31.21
N ILE A 148 0.99 -13.61 31.37
CA ILE A 148 0.52 -13.13 32.66
C ILE A 148 -0.92 -12.68 32.48
N ILE A 149 -1.82 -13.15 33.33
CA ILE A 149 -3.21 -12.74 33.28
C ILE A 149 -3.66 -12.27 34.67
N THR A 150 -4.57 -11.32 34.70
CA THR A 150 -5.05 -10.78 35.92
C THR A 150 -6.55 -10.74 35.94
N PRO A 151 -7.20 -11.88 35.95
CA PRO A 151 -8.64 -11.86 36.01
C PRO A 151 -9.17 -11.68 37.39
N ASN A 152 -10.44 -11.37 37.49
CA ASN A 152 -11.09 -11.33 38.75
C ASN A 152 -11.75 -12.70 38.97
N GLN A 153 -12.40 -12.92 40.10
CA GLN A 153 -12.99 -14.22 40.39
C GLN A 153 -13.99 -14.63 39.31
N PHE A 154 -14.87 -13.70 38.93
CA PHE A 154 -15.89 -14.02 37.93
C PHE A 154 -15.26 -14.37 36.59
N GLU A 155 -14.23 -13.67 36.20
CA GLU A 155 -13.58 -13.93 34.96
C GLU A 155 -12.81 -15.24 34.99
N ALA A 156 -12.17 -15.55 36.09
CA ALA A 156 -11.53 -16.85 36.23
C ALA A 156 -12.55 -17.97 36.11
N GLU A 157 -13.71 -17.82 36.76
CA GLU A 157 -14.77 -18.81 36.64
C GLU A 157 -15.24 -18.94 35.20
N LEU A 158 -15.33 -17.81 34.49
CA LEU A 158 -15.75 -17.85 33.08
C LEU A 158 -14.74 -18.58 32.22
N LEU A 159 -13.46 -18.22 32.34
CA LEU A 159 -12.43 -18.86 31.52
C LEU A 159 -12.31 -20.35 31.83
N SER A 160 -12.46 -20.72 33.10
CA SER A 160 -12.31 -22.10 33.52
C SER A 160 -13.60 -22.89 33.45
N GLY A 161 -14.75 -22.22 33.50
CA GLY A 161 -16.03 -22.90 33.50
C GLY A 161 -16.41 -23.53 34.81
N ARG A 162 -15.71 -23.21 35.90
CA ARG A 162 -15.95 -23.80 37.21
C ARG A 162 -16.27 -22.70 38.21
N LYS A 163 -17.33 -22.91 38.99
CA LYS A 163 -17.65 -21.98 40.07
C LYS A 163 -16.63 -22.12 41.19
N ILE A 164 -16.33 -21.00 41.84
CA ILE A 164 -15.37 -20.94 42.94
C ILE A 164 -16.13 -20.66 44.21
N HIS A 165 -16.11 -21.61 45.15
CA HIS A 165 -16.72 -21.43 46.46
C HIS A 165 -15.70 -21.35 47.58
N SER A 166 -14.43 -21.69 47.32
CA SER A 166 -13.42 -21.72 48.36
C SER A 166 -12.08 -21.32 47.77
N GLN A 167 -11.14 -20.99 48.66
CA GLN A 167 -9.80 -20.64 48.23
C GLN A 167 -9.11 -21.81 47.53
N GLU A 168 -9.30 -23.02 48.05
CA GLU A 168 -8.69 -24.19 47.43
C GLU A 168 -9.21 -24.39 46.00
N GLU A 169 -10.53 -24.25 45.81
CA GLU A 169 -11.09 -24.34 44.47
C GLU A 169 -10.59 -23.20 43.60
N ALA A 170 -10.33 -22.02 44.19
CA ALA A 170 -9.77 -20.92 43.42
C ALA A 170 -8.39 -21.28 42.87
N PHE A 171 -7.56 -21.89 43.70
CA PHE A 171 -6.23 -22.29 43.23
C PHE A 171 -6.31 -23.43 42.23
N GLU A 172 -7.32 -24.30 42.34
CA GLU A 172 -7.54 -25.32 41.30
C GLU A 172 -7.88 -24.66 39.97
N VAL A 173 -8.81 -23.69 40.00
CA VAL A 173 -9.16 -22.94 38.80
C VAL A 173 -7.91 -22.28 38.21
N MET A 174 -7.07 -21.71 39.07
CA MET A 174 -5.88 -21.04 38.57
C MET A 174 -4.87 -22.02 38.00
N ASP A 175 -4.83 -23.26 38.51
CA ASP A 175 -4.00 -24.29 37.87
C ASP A 175 -4.52 -24.62 36.48
N MET A 176 -5.84 -24.73 36.32
CA MET A 176 -6.40 -24.92 34.98
C MET A 176 -5.99 -23.78 34.06
N LEU A 177 -6.05 -22.54 34.58
CA LEU A 177 -5.65 -21.39 33.77
C LEU A 177 -4.17 -21.47 33.40
N HIS A 178 -3.32 -21.89 34.34
CA HIS A 178 -1.92 -22.14 34.02
C HIS A 178 -1.81 -23.12 32.86
N CYS A 179 -2.61 -24.18 32.89
CA CYS A 179 -2.54 -25.17 31.82
C CYS A 179 -2.96 -24.56 30.48
N MET A 180 -3.92 -23.64 30.50
CA MET A 180 -4.33 -22.99 29.26
C MET A 180 -3.20 -22.19 28.63
N GLY A 181 -2.33 -21.59 29.45
CA GLY A 181 -1.21 -20.85 28.90
C GLY A 181 -0.39 -20.06 29.92
N PRO A 182 -1.00 -19.02 30.50
CA PRO A 182 -0.22 -18.10 31.35
C PRO A 182 0.52 -18.83 32.45
N ASP A 183 1.81 -18.52 32.58
CA ASP A 183 2.61 -19.05 33.68
C ASP A 183 2.46 -18.25 34.96
N THR A 184 1.85 -17.07 34.89
CA THR A 184 1.54 -16.27 36.07
C THR A 184 0.06 -15.89 36.02
N VAL A 185 -0.67 -16.17 37.10
CA VAL A 185 -2.09 -15.92 37.19
C VAL A 185 -2.37 -15.23 38.52
N VAL A 186 -3.03 -14.07 38.46
CA VAL A 186 -3.38 -13.31 39.65
C VAL A 186 -4.88 -13.04 39.61
N ILE A 187 -5.61 -13.55 40.58
CA ILE A 187 -7.01 -13.20 40.77
C ILE A 187 -7.03 -11.95 41.64
N THR A 188 -7.50 -10.83 41.08
CA THR A 188 -7.44 -9.55 41.70
C THR A 188 -8.50 -9.23 42.69
N SER A 189 -9.65 -9.86 42.60
CA SER A 189 -10.65 -9.62 43.57
C SER A 189 -11.51 -10.83 43.68
N SER A 190 -12.07 -11.08 44.84
CA SER A 190 -12.86 -12.25 45.05
C SER A 190 -13.84 -12.06 46.15
N ASP A 191 -14.82 -12.91 46.20
CA ASP A 191 -15.81 -12.90 47.26
C ASP A 191 -15.39 -13.73 48.47
N LEU A 192 -14.18 -14.26 48.46
CA LEU A 192 -13.75 -15.14 49.54
C LEU A 192 -13.63 -14.36 50.84
N PRO A 193 -14.04 -14.94 51.97
CA PRO A 193 -14.01 -14.19 53.23
C PRO A 193 -12.60 -14.00 53.73
N SER A 194 -12.33 -12.86 54.33
CA SER A 194 -11.07 -12.63 54.90
C SER A 194 -11.12 -13.00 56.35
N SER A 195 -9.97 -13.08 56.95
CA SER A 195 -9.89 -13.37 58.36
C SER A 195 -9.79 -12.12 59.23
N GLN A 196 -9.72 -10.94 58.60
CA GLN A 196 -9.50 -9.69 59.32
C GLN A 196 -10.72 -8.77 59.31
N GLY A 197 -11.81 -9.17 58.70
CA GLY A 197 -13.00 -8.34 58.60
C GLY A 197 -13.62 -8.42 57.22
N SER A 198 -14.94 -8.29 57.17
CA SER A 198 -15.63 -8.24 55.88
C SER A 198 -15.21 -7.03 55.06
N ASP A 199 -14.47 -6.12 55.66
CA ASP A 199 -14.00 -4.98 54.95
C ASP A 199 -12.65 -5.19 54.32
N TYR A 200 -12.19 -6.41 54.14
CA TYR A 200 -10.97 -6.66 53.47
C TYR A 200 -11.27 -7.49 52.27
N LEU A 201 -10.47 -7.32 51.24
CA LEU A 201 -10.63 -8.04 50.02
C LEU A 201 -9.55 -9.07 49.88
N ILE A 202 -9.85 -10.18 49.25
CA ILE A 202 -8.87 -11.21 49.06
C ILE A 202 -8.37 -11.35 47.62
N ALA A 203 -7.08 -11.35 47.40
CA ALA A 203 -6.53 -11.52 46.10
C ALA A 203 -5.54 -12.66 46.15
N LEU A 204 -5.43 -13.45 45.09
CA LEU A 204 -4.55 -14.61 45.10
C LEU A 204 -3.62 -14.56 43.89
N GLY A 205 -2.48 -15.25 44.04
CA GLY A 205 -1.49 -15.28 42.98
C GLY A 205 -0.85 -16.65 42.88
N SER A 206 -0.45 -17.00 41.65
CA SER A 206 0.14 -18.30 41.35
C SER A 206 1.09 -18.14 40.19
N GLN A 207 2.33 -18.63 40.36
CA GLN A 207 3.34 -18.54 39.32
C GLN A 207 4.02 -19.90 39.14
N ARG A 208 3.97 -20.43 37.93
CA ARG A 208 4.74 -21.61 37.56
C ARG A 208 6.13 -21.15 37.10
N MET A 209 7.17 -21.61 37.80
CA MET A 209 8.53 -21.28 37.41
C MET A 209 9.36 -22.54 37.31
N ARG A 210 10.23 -22.59 36.31
CA ARG A 210 10.96 -23.80 35.93
C ARG A 210 12.36 -23.75 36.54
N LYS A 211 12.54 -24.48 37.64
CA LYS A 211 13.84 -24.63 38.28
C LYS A 211 14.88 -25.03 37.25
N PRO A 212 16.15 -24.68 37.44
CA PRO A 212 17.18 -25.13 36.48
C PRO A 212 17.28 -26.65 36.39
N ASP A 213 16.79 -27.37 37.39
CA ASP A 213 16.76 -28.83 37.32
C ASP A 213 16.02 -29.31 36.07
N GLY A 214 15.09 -28.52 35.56
CA GLY A 214 14.12 -28.95 34.59
C GLY A 214 12.74 -29.15 35.16
N SER A 215 12.64 -29.37 36.46
CA SER A 215 11.35 -29.44 37.13
C SER A 215 10.77 -28.04 37.28
N THR A 216 9.46 -28.00 37.55
CA THR A 216 8.74 -26.74 37.71
C THR A 216 8.03 -26.73 39.05
N VAL A 217 8.07 -25.58 39.72
CA VAL A 217 7.43 -25.38 41.02
C VAL A 217 6.44 -24.24 40.91
N THR A 218 5.32 -24.36 41.61
CA THR A 218 4.24 -23.38 41.58
C THR A 218 4.23 -22.63 42.89
N GLN A 219 4.63 -21.35 42.85
CA GLN A 219 4.56 -20.48 44.01
C GLN A 219 3.15 -19.88 44.11
N ARG A 220 2.55 -19.99 45.29
CA ARG A 220 1.20 -19.51 45.53
C ARG A 220 1.20 -18.50 46.68
N ILE A 221 0.32 -17.50 46.58
CA ILE A 221 0.27 -16.44 47.57
C ILE A 221 -1.16 -15.94 47.74
N ARG A 222 -1.46 -15.45 48.94
CA ARG A 222 -2.72 -14.79 49.26
C ARG A 222 -2.43 -13.38 49.74
N MET A 223 -3.29 -12.45 49.38
CA MET A 223 -3.18 -11.02 49.87
CA MET A 223 -3.17 -11.01 49.87
C MET A 223 -4.64 -10.44 50.36
N GLU A 224 -4.57 -9.76 51.48
CA GLU A 224 -5.76 -9.19 52.04
C GLU A 224 -5.57 -7.70 52.01
N MET A 225 -6.47 -6.98 51.38
CA MET A 225 -6.34 -5.56 51.24
C MET A 225 -7.59 -4.91 51.75
N ARG A 226 -7.47 -3.78 52.40
CA ARG A 226 -8.63 -3.13 52.92
C ARG A 226 -9.44 -2.46 51.84
N LYS A 227 -10.74 -2.67 51.79
CA LYS A 227 -11.55 -2.09 50.79
C LYS A 227 -11.71 -0.61 50.95
N VAL A 228 -11.83 0.10 49.85
CA VAL A 228 -12.03 1.50 49.87
C VAL A 228 -13.47 1.66 49.48
N GLU A 229 -14.23 2.43 50.21
CA GLU A 229 -15.65 2.53 49.93
C GLU A 229 -16.10 3.49 48.86
N ALA A 230 -15.80 3.13 47.63
CA ALA A 230 -16.15 3.90 46.45
C ALA A 230 -16.00 3.02 45.26
N VAL A 231 -16.58 3.44 44.16
CA VAL A 231 -16.43 2.69 42.97
C VAL A 231 -15.46 3.39 42.04
N PHE A 232 -14.34 2.78 41.73
CA PHE A 232 -13.37 3.38 40.89
C PHE A 232 -13.37 2.75 39.54
N VAL A 233 -12.88 3.47 38.55
CA VAL A 233 -12.80 2.99 37.18
C VAL A 233 -11.35 3.06 36.72
N GLY A 234 -10.90 2.03 36.01
CA GLY A 234 -9.53 1.95 35.58
C GLY A 234 -8.59 1.33 36.59
N THR A 235 -9.10 0.73 37.63
CA THR A 235 -8.25 0.09 38.63
C THR A 235 -7.55 -1.11 38.09
N GLY A 236 -8.23 -1.86 37.28
CA GLY A 236 -7.69 -3.02 36.67
C GLY A 236 -6.58 -2.73 35.73
N ASP A 237 -6.69 -1.66 34.98
CA ASP A 237 -5.66 -1.25 34.03
C ASP A 237 -4.38 -0.85 34.78
N LEU A 238 -4.54 0.01 35.78
CA LEU A 238 -3.39 0.39 36.62
C LEU A 238 -2.75 -0.83 37.25
N PHE A 239 -3.53 -1.73 37.77
CA PHE A 239 -3.02 -2.91 38.40
C PHE A 239 -2.22 -3.75 37.45
N ALA A 240 -2.72 -4.02 36.29
CA ALA A 240 -2.00 -4.86 35.33
C ALA A 240 -0.71 -4.18 34.89
N ALA A 241 -0.73 -2.87 34.66
CA ALA A 241 0.48 -2.18 34.24
C ALA A 241 1.56 -2.24 35.32
N MET A 242 1.18 -1.95 36.56
CA MET A 242 2.18 -1.96 37.63
C MET A 242 2.65 -3.38 37.94
N LEU A 243 1.79 -4.38 37.76
CA LEU A 243 2.23 -5.76 37.92
C LEU A 243 3.22 -6.15 36.83
N LEU A 244 2.97 -5.71 35.59
CA LEU A 244 3.96 -5.90 34.53
C LEU A 244 5.31 -5.36 34.99
N ALA A 245 5.32 -4.10 35.45
CA ALA A 245 6.58 -3.49 35.89
C ALA A 245 7.25 -4.33 36.97
N TRP A 246 6.53 -4.62 38.05
CA TRP A 246 7.18 -5.23 39.22
C TRP A 246 7.52 -6.70 39.01
N THR A 247 6.82 -7.40 38.12
CA THR A 247 7.24 -8.75 37.75
C THR A 247 8.41 -8.73 36.78
N HIS A 248 8.58 -7.64 36.03
CA HIS A 248 9.83 -7.47 35.30
C HIS A 248 10.99 -7.28 36.27
N LYS A 249 10.77 -6.50 37.34
CA LYS A 249 11.84 -6.29 38.30
C LYS A 249 12.07 -7.47 39.23
N HIS A 250 11.09 -8.37 39.39
CA HIS A 250 11.21 -9.55 40.24
C HIS A 250 10.59 -10.74 39.54
N PRO A 251 11.23 -11.24 38.47
CA PRO A 251 10.61 -12.27 37.66
C PRO A 251 10.40 -13.61 38.36
N ASP A 252 11.06 -13.84 39.50
CA ASP A 252 10.94 -15.11 40.21
C ASP A 252 10.36 -14.95 41.61
N ASN A 253 9.79 -13.78 41.95
CA ASN A 253 9.23 -13.53 43.28
C ASN A 253 7.88 -12.84 43.10
N LEU A 254 6.86 -13.63 42.77
CA LEU A 254 5.51 -13.09 42.65
C LEU A 254 5.07 -12.40 43.93
N LYS A 255 5.53 -12.89 45.09
CA LYS A 255 5.15 -12.28 46.36
C LYS A 255 5.52 -10.80 46.38
N VAL A 256 6.77 -10.47 46.07
CA VAL A 256 7.22 -9.08 46.18
C VAL A 256 6.58 -8.22 45.10
N ALA A 257 6.49 -8.73 43.87
CA ALA A 257 5.86 -7.98 42.79
C ALA A 257 4.43 -7.61 43.18
N CYS A 258 3.68 -8.58 43.70
CA CYS A 258 2.29 -8.32 44.06
C CYS A 258 2.20 -7.40 45.28
N GLU A 259 3.12 -7.53 46.24
CA GLU A 259 3.13 -6.63 47.38
C GLU A 259 3.29 -5.18 46.91
N LYS A 260 4.26 -4.94 46.03
CA LYS A 260 4.50 -3.58 45.55
C LYS A 260 3.32 -3.06 44.73
N THR A 261 2.79 -3.91 43.83
CA THR A 261 1.63 -3.51 43.04
C THR A 261 0.47 -3.10 43.94
N VAL A 262 0.15 -3.92 44.91
CA VAL A 262 -0.95 -3.67 45.77
C VAL A 262 -0.74 -2.52 46.69
N SER A 263 0.47 -2.27 47.10
CA SER A 263 0.75 -1.11 47.93
C SER A 263 0.57 0.19 47.14
N ALA A 264 1.10 0.23 45.91
CA ALA A 264 0.87 1.39 45.06
C ALA A 264 -0.63 1.61 44.84
N MET A 265 -1.37 0.56 44.64
CA MET A 265 -2.76 0.69 44.45
C MET A 265 -3.45 1.29 45.64
N GLN A 266 -3.05 0.89 46.82
CA GLN A 266 -3.65 1.37 48.03
C GLN A 266 -3.36 2.79 48.24
N HIS A 267 -2.15 3.19 47.99
CA HIS A 267 -1.81 4.60 48.11
C HIS A 267 -2.65 5.45 47.17
N VAL A 268 -2.73 5.05 45.89
CA VAL A 268 -3.48 5.83 44.91
C VAL A 268 -4.94 5.92 45.31
N LEU A 269 -5.56 4.83 45.67
CA LEU A 269 -6.93 4.82 46.03
C LEU A 269 -7.26 5.57 47.30
N GLN A 270 -6.40 5.51 48.28
CA GLN A 270 -6.64 6.27 49.50
C GLN A 270 -6.53 7.77 49.25
N ARG A 271 -5.50 8.20 48.51
CA ARG A 271 -5.41 9.60 48.15
C ARG A 271 -6.64 10.03 47.35
N THR A 272 -7.11 9.16 46.44
CA THR A 272 -8.24 9.53 45.59
C THR A 272 -9.52 9.69 46.42
N ILE A 273 -9.79 8.76 47.34
CA ILE A 273 -11.01 8.88 48.13
C ILE A 273 -10.92 10.11 49.04
N ARG A 274 -9.74 10.37 49.61
CA ARG A 274 -9.59 11.55 50.45
C ARG A 274 -9.89 12.82 49.67
N CYS A 275 -9.24 12.99 48.51
CA CYS A 275 -9.45 14.21 47.71
C CYS A 275 -10.87 14.30 47.19
N ALA A 276 -11.51 13.17 46.88
CA ALA A 276 -12.89 13.19 46.39
C ALA A 276 -13.86 13.56 47.49
N LYS A 277 -13.67 13.02 48.69
CA LYS A 277 -14.50 13.40 49.82
C LYS A 277 -14.31 14.87 50.18
N ALA A 278 -13.09 15.40 49.98
CA ALA A 278 -12.86 16.82 50.21
C ALA A 278 -13.56 17.67 49.16
N GLU A 279 -13.43 17.30 47.89
CA GLU A 279 -14.09 18.05 46.83
C GLU A 279 -15.60 18.08 47.03
N ALA A 280 -16.20 16.91 47.23
CA ALA A 280 -17.59 16.85 47.64
C ALA A 280 -17.74 17.36 49.07
N GLY A 281 -18.97 17.61 49.48
CA GLY A 281 -19.23 18.10 50.81
C GLY A 281 -19.07 17.00 51.86
N GLU A 282 -19.05 17.43 53.12
CA GLU A 282 -19.03 16.49 54.23
C GLU A 282 -20.37 15.77 54.29
N GLY A 283 -20.32 14.44 54.22
CA GLY A 283 -21.54 13.66 54.12
C GLY A 283 -22.09 13.52 52.72
N GLN A 284 -21.31 13.88 51.70
CA GLN A 284 -21.75 13.86 50.32
C GLN A 284 -21.12 12.69 49.58
N LYS A 285 -21.91 12.02 48.75
CA LYS A 285 -21.40 10.95 47.90
C LYS A 285 -20.53 11.55 46.81
N PRO A 286 -19.23 11.23 46.75
CA PRO A 286 -18.41 11.74 45.66
C PRO A 286 -18.92 11.25 44.31
N SER A 287 -18.88 12.14 43.32
CA SER A 287 -19.36 11.82 41.98
C SER A 287 -18.33 10.97 41.25
N PRO A 288 -18.71 10.35 40.14
CA PRO A 288 -17.72 9.66 39.31
C PRO A 288 -16.60 10.58 38.85
N ALA A 289 -16.89 11.86 38.66
CA ALA A 289 -15.87 12.81 38.22
C ALA A 289 -14.88 13.11 39.34
N GLN A 290 -15.37 13.22 40.57
CA GLN A 290 -14.51 13.49 41.72
C GLN A 290 -13.70 12.28 42.15
N LEU A 291 -14.04 11.08 41.66
CA LEU A 291 -13.35 9.85 42.02
C LEU A 291 -12.34 9.41 40.97
N GLU A 292 -12.05 10.25 39.97
CA GLU A 292 -10.99 9.92 39.03
C GLU A 292 -9.68 9.72 39.78
N LEU A 293 -8.93 8.69 39.39
CA LEU A 293 -7.69 8.35 40.08
C LEU A 293 -6.73 9.53 40.06
N ARG A 294 -6.16 9.83 41.23
CA ARG A 294 -5.21 10.94 41.37
C ARG A 294 -3.80 10.44 41.03
N MET A 295 -3.64 10.10 39.75
CA MET A 295 -2.41 9.46 39.29
C MET A 295 -1.22 10.41 39.41
N VAL A 296 -1.35 11.62 38.88
CA VAL A 296 -0.26 12.58 38.90
C VAL A 296 0.23 12.78 40.32
N GLN A 297 -0.69 13.09 41.23
CA GLN A 297 -0.34 13.38 42.62
C GLN A 297 0.16 12.16 43.38
N SER A 298 0.05 10.97 42.80
CA SER A 298 0.58 9.74 43.40
C SER A 298 1.87 9.29 42.76
N LYS A 299 2.47 10.11 41.89
CA LYS A 299 3.68 9.71 41.17
C LYS A 299 4.67 8.98 42.06
N ARG A 300 5.10 9.63 43.16
CA ARG A 300 6.14 9.05 44.00
C ARG A 300 5.69 7.71 44.58
N ASP A 301 4.44 7.61 45.04
CA ASP A 301 3.97 6.36 45.59
C ASP A 301 3.99 5.25 44.53
N ILE A 302 3.86 5.62 43.26
CA ILE A 302 3.97 4.64 42.20
C ILE A 302 5.43 4.30 41.91
N GLU A 303 6.34 5.26 42.08
CA GLU A 303 7.74 5.01 41.79
C GLU A 303 8.37 4.09 42.80
N ASP A 304 8.07 4.29 44.09
CA ASP A 304 8.67 3.50 45.17
C ASP A 304 7.64 3.32 46.27
N PRO A 305 6.70 2.39 46.08
CA PRO A 305 5.61 2.23 47.06
C PRO A 305 6.13 1.60 48.35
N GLU A 306 5.85 2.26 49.47
CA GLU A 306 6.09 1.64 50.76
C GLU A 306 5.11 0.50 50.97
N ILE A 307 5.60 -0.62 51.49
CA ILE A 307 4.81 -1.84 51.54
C ILE A 307 3.78 -1.72 52.65
N VAL A 308 2.50 -1.63 52.26
CA VAL A 308 1.40 -1.57 53.22
C VAL A 308 0.66 -2.90 53.35
N VAL A 309 0.95 -3.87 52.49
CA VAL A 309 0.36 -5.20 52.56
C VAL A 309 1.47 -6.21 52.36
N GLN A 310 1.37 -7.34 53.06
CA GLN A 310 2.30 -8.45 52.91
C GLN A 310 1.53 -9.70 52.51
N ALA A 311 1.99 -10.36 51.45
CA ALA A 311 1.35 -11.57 50.97
C ALA A 311 1.80 -12.77 51.79
N THR A 312 0.88 -13.71 51.96
CA THR A 312 1.15 -14.95 52.71
C THR A 312 1.49 -16.04 51.70
N VAL A 313 2.74 -16.52 51.76
CA VAL A 313 3.16 -17.60 50.88
C VAL A 313 2.54 -18.91 51.34
N LEU A 314 1.79 -19.55 50.45
CA LEU A 314 1.18 -20.85 50.75
C LEU A 314 1.87 -21.94 49.94
N GLU B 6 -4.54 20.18 40.47
CA GLU B 6 -5.18 21.47 40.74
C GLU B 6 -5.10 22.38 39.53
N CYS B 7 -4.04 22.21 38.73
CA CYS B 7 -3.86 22.94 37.48
C CYS B 7 -4.13 21.98 36.33
N ARG B 8 -5.17 22.24 35.56
CA ARG B 8 -5.60 21.34 34.49
C ARG B 8 -5.39 22.00 33.13
N VAL B 9 -4.80 21.24 32.21
CA VAL B 9 -4.39 21.73 30.90
C VAL B 9 -5.15 20.94 29.83
N LEU B 10 -5.79 21.64 28.90
CA LEU B 10 -6.44 21.02 27.76
C LEU B 10 -5.47 21.03 26.58
N SER B 11 -4.89 19.87 26.29
CA SER B 11 -3.87 19.73 25.25
C SER B 11 -4.48 19.04 24.04
N ILE B 12 -4.58 19.77 22.93
CA ILE B 12 -5.16 19.23 21.70
C ILE B 12 -4.06 19.07 20.67
N GLN B 13 -3.48 17.87 20.60
CA GLN B 13 -2.33 17.64 19.74
C GLN B 13 -2.38 16.21 19.21
N SER B 14 -1.38 15.87 18.41
CA SER B 14 -1.33 14.58 17.74
C SER B 14 -0.94 13.47 18.70
N HIS B 15 -1.20 12.23 18.28
CA HIS B 15 -0.74 11.04 18.98
C HIS B 15 0.00 10.16 17.99
N VAL B 16 1.16 9.64 18.41
CA VAL B 16 1.90 8.64 17.67
C VAL B 16 2.04 7.41 18.54
N VAL B 17 1.82 6.24 17.94
CA VAL B 17 1.96 4.99 18.68
C VAL B 17 3.36 4.88 19.24
N ARG B 18 4.37 4.97 18.36
CA ARG B 18 5.76 5.04 18.75
C ARG B 18 6.24 6.48 18.69
N GLY B 19 7.03 6.88 19.67
CA GLY B 19 7.75 8.14 19.60
C GLY B 19 7.11 9.23 20.43
N TYR B 20 7.68 10.43 20.30
CA TYR B 20 7.31 11.58 21.12
C TYR B 20 7.16 12.81 20.25
N VAL B 21 5.93 13.03 19.77
CA VAL B 21 5.52 14.28 19.14
C VAL B 21 4.13 14.60 19.66
N GLY B 22 3.75 15.87 19.53
CA GLY B 22 2.41 16.27 19.94
C GLY B 22 2.15 15.91 21.39
N ASN B 23 1.04 15.22 21.63
CA ASN B 23 0.64 14.92 23.01
C ASN B 23 1.58 13.94 23.68
N ARG B 24 2.24 13.07 22.92
CA ARG B 24 3.22 12.17 23.52
C ARG B 24 4.39 12.97 24.12
N ALA B 25 4.81 14.03 23.43
CA ALA B 25 5.90 14.86 23.92
C ALA B 25 5.45 15.86 24.98
N ALA B 26 4.15 16.11 25.11
CA ALA B 26 3.64 17.15 25.98
C ALA B 26 3.06 16.62 27.29
N MET B 27 2.35 15.49 27.26
CA MET B 27 1.61 15.07 28.44
C MET B 27 2.52 14.47 29.50
N PHE B 28 3.49 13.65 29.09
CA PHE B 28 4.39 13.06 30.08
C PHE B 28 5.11 14.11 30.91
N PRO B 29 5.82 15.08 30.31
CA PRO B 29 6.46 16.12 31.13
C PRO B 29 5.48 16.91 32.00
N LEU B 30 4.31 17.28 31.46
CA LEU B 30 3.36 18.04 32.25
C LEU B 30 2.83 17.21 33.42
N GLN B 31 2.51 15.95 33.18
CA GLN B 31 2.08 15.08 34.27
C GLN B 31 3.17 14.93 35.32
N VAL B 32 4.42 14.76 34.88
CA VAL B 32 5.52 14.57 35.80
C VAL B 32 5.80 15.84 36.58
N LEU B 33 5.54 17.00 35.99
CA LEU B 33 5.67 18.28 36.68
C LEU B 33 4.42 18.67 37.44
N GLY B 34 3.49 17.74 37.64
CA GLY B 34 2.37 17.94 38.54
C GLY B 34 1.12 18.54 37.95
N PHE B 35 1.02 18.63 36.62
CA PHE B 35 -0.16 19.18 35.97
C PHE B 35 -1.10 18.06 35.53
N GLU B 36 -2.38 18.26 35.79
CA GLU B 36 -3.42 17.39 35.22
C GLU B 36 -3.62 17.75 33.76
N VAL B 37 -3.80 16.74 32.91
CA VAL B 37 -3.85 16.95 31.47
C VAL B 37 -5.07 16.23 30.89
N ASP B 38 -5.92 16.98 30.19
CA ASP B 38 -6.97 16.43 29.34
C ASP B 38 -6.47 16.48 27.90
N ALA B 39 -6.23 15.31 27.32
CA ALA B 39 -5.57 15.20 26.02
C ALA B 39 -6.57 14.82 24.95
N VAL B 40 -6.77 15.71 23.99
CA VAL B 40 -7.50 15.40 22.76
C VAL B 40 -6.46 15.11 21.68
N ASN B 41 -6.49 13.88 21.16
CA ASN B 41 -5.52 13.43 20.16
C ASN B 41 -6.07 13.77 18.78
N SER B 42 -5.42 14.72 18.11
CA SER B 42 -5.90 15.18 16.81
C SER B 42 -5.67 14.15 15.71
N VAL B 43 -4.69 13.26 15.87
CA VAL B 43 -4.46 12.18 14.93
C VAL B 43 -3.86 11.01 15.69
N GLN B 44 -3.91 9.82 15.08
CA GLN B 44 -3.18 8.66 15.57
C GLN B 44 -2.43 8.05 14.39
N PHE B 45 -1.11 8.23 14.40
CA PHE B 45 -0.22 7.66 13.41
C PHE B 45 0.69 6.63 14.07
N SER B 46 1.18 5.68 13.27
CA SER B 46 2.13 4.71 13.81
C SER B 46 3.38 5.40 14.33
N ASN B 47 3.77 6.52 13.72
CA ASN B 47 4.97 7.26 14.06
C ASN B 47 4.89 8.60 13.35
N HIS B 48 5.90 9.45 13.57
CA HIS B 48 5.86 10.77 12.97
C HIS B 48 6.29 10.71 11.50
N THR B 49 5.91 11.75 10.75
CA THR B 49 6.03 11.74 9.30
C THR B 49 7.47 11.79 8.81
N GLY B 50 8.43 12.09 9.68
CA GLY B 50 9.83 12.08 9.30
C GLY B 50 10.38 10.69 9.00
N TYR B 51 9.69 9.64 9.42
CA TYR B 51 10.09 8.28 9.07
C TYR B 51 9.94 8.09 7.55
N ALA B 52 10.42 6.93 7.08
CA ALA B 52 10.23 6.60 5.67
C ALA B 52 8.77 6.30 5.36
N HIS B 53 8.02 5.81 6.34
CA HIS B 53 6.61 5.52 6.18
C HIS B 53 5.87 5.90 7.44
N TRP B 54 4.55 6.07 7.30
CA TRP B 54 3.68 6.28 8.44
C TRP B 54 2.25 5.95 8.01
N LYS B 55 1.51 5.32 8.92
CA LYS B 55 0.12 4.98 8.67
C LYS B 55 -0.71 5.40 9.88
N GLY B 56 -1.98 5.72 9.63
CA GLY B 56 -2.85 6.10 10.71
C GLY B 56 -4.08 6.82 10.17
N GLN B 57 -4.70 7.59 11.07
CA GLN B 57 -5.89 8.35 10.73
C GLN B 57 -5.86 9.68 11.47
N VAL B 58 -6.67 10.62 10.98
CA VAL B 58 -6.74 11.96 11.55
C VAL B 58 -8.15 12.18 12.10
N LEU B 59 -8.28 13.02 13.09
CA LEU B 59 -9.57 13.30 13.65
C LEU B 59 -10.21 14.45 12.90
N LYS B 60 -11.50 14.37 12.66
CA LYS B 60 -12.20 15.42 12.01
C LYS B 60 -12.50 16.47 13.02
N SER B 61 -12.67 17.69 12.56
CA SER B 61 -12.94 18.79 13.43
C SER B 61 -14.23 18.62 14.17
N GLN B 62 -15.24 18.07 13.57
CA GLN B 62 -16.48 17.78 14.24
C GLN B 62 -16.32 16.76 15.33
N GLU B 63 -15.44 15.79 15.15
CA GLU B 63 -15.14 14.79 16.16
C GLU B 63 -14.51 15.46 17.34
N LEU B 64 -13.66 16.44 17.13
CA LEU B 64 -13.11 17.21 18.19
C LEU B 64 -14.18 17.94 18.92
N HIS B 65 -15.11 18.49 18.21
CA HIS B 65 -16.19 19.15 18.80
C HIS B 65 -17.02 18.21 19.64
N GLU B 66 -17.28 17.01 19.19
CA GLU B 66 -18.02 16.08 19.98
C GLU B 66 -17.38 15.77 21.32
N LEU B 67 -16.08 15.61 21.33
CA LEU B 67 -15.37 15.32 22.53
C LEU B 67 -15.45 16.48 23.49
N TYR B 68 -15.29 17.68 23.01
CA TYR B 68 -15.41 18.84 23.88
C TYR B 68 -16.81 18.94 24.48
N GLU B 69 -17.84 18.67 23.68
CA GLU B 69 -19.20 18.71 24.20
C GLU B 69 -19.44 17.59 25.21
N GLY B 70 -18.83 16.43 24.98
CA GLY B 70 -18.90 15.37 25.98
C GLY B 70 -18.39 15.86 27.32
N LEU B 71 -17.26 16.57 27.32
CA LEU B 71 -16.76 17.14 28.56
C LEU B 71 -17.71 18.22 29.10
N LYS B 72 -18.29 19.01 28.21
CA LYS B 72 -19.10 20.16 28.62
C LYS B 72 -20.39 19.73 29.30
N VAL B 73 -21.11 18.79 28.70
CA VAL B 73 -22.39 18.37 29.26
C VAL B 73 -22.21 17.74 30.63
N ASN B 74 -21.03 17.16 30.90
CA ASN B 74 -20.70 16.69 32.24
C ASN B 74 -20.20 17.81 33.14
N ASP B 75 -20.07 19.02 32.61
CA ASP B 75 -19.63 20.18 33.40
C ASP B 75 -18.21 19.99 33.91
N VAL B 76 -17.36 19.37 33.10
CA VAL B 76 -15.94 19.23 33.41
C VAL B 76 -15.13 19.82 32.27
N ASN B 77 -15.66 20.86 31.65
CA ASN B 77 -14.95 21.65 30.65
C ASN B 77 -14.22 22.83 31.27
N LYS B 78 -13.68 22.64 32.47
CA LYS B 78 -13.09 23.73 33.25
C LYS B 78 -11.58 23.55 33.28
N TYR B 79 -10.85 24.57 32.82
CA TYR B 79 -9.42 24.45 32.60
C TYR B 79 -8.72 25.73 33.03
N ASP B 80 -7.43 25.57 33.37
CA ASP B 80 -6.54 26.70 33.60
C ASP B 80 -5.69 27.02 32.38
N TYR B 81 -5.45 26.04 31.50
CA TYR B 81 -4.62 26.22 30.34
C TYR B 81 -5.21 25.50 29.14
N VAL B 82 -4.89 26.00 27.95
CA VAL B 82 -5.14 25.31 26.69
C VAL B 82 -3.82 25.28 25.93
N LEU B 83 -3.54 24.15 25.29
CA LEU B 83 -2.26 23.93 24.62
C LEU B 83 -2.50 23.32 23.26
N THR B 84 -1.89 23.91 22.23
CA THR B 84 -2.07 23.48 20.85
C THR B 84 -0.72 23.54 20.13
N GLY B 85 -0.64 22.82 19.02
CA GLY B 85 0.57 22.81 18.22
C GLY B 85 0.33 22.51 16.76
N TYR B 86 0.94 21.45 16.25
CA TYR B 86 0.92 21.17 14.82
C TYR B 86 -0.49 20.82 14.36
N THR B 87 -0.99 21.55 13.36
CA THR B 87 -2.26 21.26 12.71
C THR B 87 -2.10 21.54 11.22
N ARG B 88 -2.78 20.75 10.40
CA ARG B 88 -2.74 20.91 8.96
C ARG B 88 -4.08 21.29 8.34
N ASP B 89 -5.15 21.35 9.13
CA ASP B 89 -6.49 21.65 8.63
C ASP B 89 -7.03 22.88 9.33
N LYS B 90 -7.55 23.83 8.55
CA LYS B 90 -8.02 25.09 9.13
C LYS B 90 -9.34 24.92 9.88
N SER B 91 -10.15 23.93 9.51
CA SER B 91 -11.35 23.63 10.27
C SER B 91 -11.02 23.31 11.72
N PHE B 92 -10.00 22.49 11.93
CA PHE B 92 -9.58 22.13 13.28
C PHE B 92 -9.11 23.36 14.04
N LEU B 93 -8.33 24.23 13.40
CA LEU B 93 -7.89 25.46 14.06
C LEU B 93 -9.07 26.34 14.43
N ALA B 94 -10.06 26.41 13.58
CA ALA B 94 -11.19 27.21 13.85
C ALA B 94 -11.93 26.72 15.04
N MET B 95 -12.10 25.43 15.16
CA MET B 95 -12.76 24.82 16.28
C MET B 95 -11.99 25.04 17.55
N VAL B 96 -10.69 25.00 17.48
CA VAL B 96 -9.88 25.30 18.59
C VAL B 96 -10.13 26.70 19.03
N VAL B 97 -10.20 27.64 18.12
CA VAL B 97 -10.44 29.03 18.49
C VAL B 97 -11.78 29.18 19.18
N ASP B 98 -12.82 28.51 18.65
CA ASP B 98 -14.14 28.58 19.28
C ASP B 98 -14.08 28.07 20.72
N ILE B 99 -13.43 26.92 20.91
CA ILE B 99 -13.32 26.33 22.24
C ILE B 99 -12.60 27.29 23.19
N VAL B 100 -11.49 27.87 22.72
CA VAL B 100 -10.74 28.80 23.56
C VAL B 100 -11.59 30.00 23.93
N ARG B 101 -12.37 30.51 22.98
CA ARG B 101 -13.23 31.66 23.27
C ARG B 101 -14.24 31.32 24.34
N GLU B 102 -14.92 30.17 24.21
CA GLU B 102 -15.91 29.78 25.20
C GLU B 102 -15.27 29.64 26.58
N LEU B 103 -14.14 28.93 26.66
CA LEU B 103 -13.50 28.71 27.95
C LEU B 103 -13.04 30.02 28.56
N LYS B 104 -12.52 30.94 27.74
CA LYS B 104 -12.10 32.22 28.27
C LYS B 104 -13.29 33.05 28.74
N GLN B 105 -14.45 32.89 28.12
CA GLN B 105 -15.65 33.52 28.66
C GLN B 105 -16.04 32.90 29.99
N GLN B 106 -15.74 31.60 30.19
CA GLN B 106 -16.03 30.99 31.48
C GLN B 106 -14.96 31.28 32.53
N ASN B 107 -13.71 31.47 32.11
CA ASN B 107 -12.60 31.66 33.04
C ASN B 107 -11.74 32.82 32.52
N SER B 108 -11.87 33.98 33.18
CA SER B 108 -11.14 35.17 32.74
C SER B 108 -9.63 34.95 32.72
N ARG B 109 -9.13 34.06 33.58
CA ARG B 109 -7.69 33.92 33.79
C ARG B 109 -7.06 32.79 32.99
N LEU B 110 -7.85 32.08 32.16
CA LEU B 110 -7.30 30.97 31.40
C LEU B 110 -6.17 31.46 30.49
N VAL B 111 -5.16 30.61 30.31
CA VAL B 111 -3.97 30.93 29.52
C VAL B 111 -3.93 29.98 28.33
N TYR B 112 -3.92 30.53 27.13
CA TYR B 112 -3.84 29.75 25.90
C TYR B 112 -2.40 29.79 25.40
N VAL B 113 -1.74 28.63 25.43
CA VAL B 113 -0.38 28.48 24.94
C VAL B 113 -0.46 27.88 23.54
N CYS B 114 0.07 28.60 22.54
CA CYS B 114 -0.05 28.20 21.16
C CYS B 114 1.32 28.17 20.51
N ASP B 115 1.69 27.03 19.94
CA ASP B 115 2.87 26.94 19.08
C ASP B 115 2.41 27.05 17.64
N PRO B 116 2.65 28.19 16.96
CA PRO B 116 2.09 28.40 15.60
C PRO B 116 2.92 27.72 14.52
N VAL B 117 2.76 26.40 14.41
CA VAL B 117 3.62 25.59 13.55
C VAL B 117 3.20 25.76 12.10
N MET B 118 4.10 26.33 11.28
CA MET B 118 3.81 26.52 9.87
C MET B 118 5.01 26.16 8.99
N GLY B 119 6.22 26.49 9.42
CA GLY B 119 7.39 26.21 8.59
C GLY B 119 8.67 26.45 9.35
N ASP B 120 9.78 26.30 8.63
CA ASP B 120 11.10 26.50 9.21
C ASP B 120 12.06 26.99 8.13
N LYS B 121 13.15 27.62 8.57
CA LYS B 121 14.20 28.12 7.69
C LYS B 121 13.60 28.83 6.47
N SER B 127 10.88 27.19 4.75
CA SER B 127 9.88 26.62 3.86
C SER B 127 8.63 26.24 4.64
N MET B 128 7.47 26.45 4.03
CA MET B 128 6.20 26.10 4.65
C MET B 128 5.91 24.61 4.46
N TYR B 129 5.66 23.91 5.57
CA TYR B 129 5.23 22.52 5.51
C TYR B 129 3.78 22.34 5.96
N VAL B 130 3.02 23.42 6.00
CA VAL B 130 1.56 23.34 6.15
C VAL B 130 0.93 24.15 5.02
N PRO B 131 -0.35 23.92 4.74
CA PRO B 131 -1.01 24.68 3.66
C PRO B 131 -0.93 26.18 3.90
N GLN B 132 -0.86 26.93 2.80
CA GLN B 132 -0.73 28.38 2.90
C GLN B 132 -1.94 29.00 3.57
N ASP B 133 -3.13 28.48 3.30
CA ASP B 133 -4.35 29.08 3.83
C ASP B 133 -4.43 29.02 5.35
N LEU B 134 -3.44 28.41 6.02
CA LEU B 134 -3.41 28.43 7.48
C LEU B 134 -2.79 29.73 8.01
N LEU B 135 -1.87 30.34 7.26
CA LEU B 135 -1.24 31.57 7.75
C LEU B 135 -2.27 32.62 8.14
N PRO B 136 -3.25 32.96 7.31
CA PRO B 136 -4.26 33.93 7.77
C PRO B 136 -4.95 33.50 9.06
N VAL B 137 -5.34 32.22 9.15
CA VAL B 137 -6.05 31.73 10.33
C VAL B 137 -5.22 31.94 11.58
N TYR B 138 -3.95 31.54 11.54
CA TYR B 138 -3.06 31.80 12.67
C TYR B 138 -2.95 33.30 12.94
N ARG B 139 -2.89 34.10 11.88
CA ARG B 139 -2.59 35.51 12.06
C ARG B 139 -3.79 36.27 12.64
N ASP B 140 -4.99 35.98 12.14
CA ASP B 140 -6.16 36.80 12.42
C ASP B 140 -7.12 36.17 13.41
N LYS B 141 -7.00 34.88 13.69
CA LYS B 141 -7.96 34.18 14.52
C LYS B 141 -7.34 33.49 15.73
N VAL B 142 -6.20 32.82 15.56
CA VAL B 142 -5.62 32.04 16.66
C VAL B 142 -4.78 32.93 17.56
N VAL B 143 -3.73 33.57 16.97
CA VAL B 143 -2.80 34.36 17.79
C VAL B 143 -3.53 35.41 18.59
N PRO B 144 -4.53 36.11 18.05
CA PRO B 144 -5.22 37.12 18.86
C PRO B 144 -5.81 36.60 20.16
N VAL B 145 -6.19 35.33 20.24
CA VAL B 145 -6.72 34.76 21.46
C VAL B 145 -5.65 33.99 22.25
N ALA B 146 -4.40 34.05 21.81
CA ALA B 146 -3.31 33.38 22.50
C ALA B 146 -2.71 34.30 23.56
N ASP B 147 -2.14 33.68 24.60
CA ASP B 147 -1.44 34.38 25.66
C ASP B 147 0.05 34.11 25.68
N ILE B 148 0.48 32.93 25.21
CA ILE B 148 1.88 32.58 25.07
C ILE B 148 2.05 31.90 23.71
N ILE B 149 3.03 32.36 22.93
CA ILE B 149 3.29 31.79 21.61
C ILE B 149 4.78 31.47 21.51
N THR B 150 5.09 30.37 20.81
CA THR B 150 6.46 29.88 20.69
C THR B 150 6.87 29.76 19.23
N PRO B 151 6.75 30.82 18.44
CA PRO B 151 7.17 30.76 17.04
C PRO B 151 8.68 30.59 16.92
N ASN B 152 9.09 30.10 15.75
CA ASN B 152 10.48 30.24 15.33
C ASN B 152 10.58 31.54 14.53
N GLN B 153 11.79 31.88 14.07
CA GLN B 153 11.96 33.14 13.36
C GLN B 153 11.11 33.17 12.10
N PHE B 154 11.12 32.09 11.32
CA PHE B 154 10.33 32.05 10.10
C PHE B 154 8.86 32.30 10.39
N GLU B 155 8.32 31.68 11.43
CA GLU B 155 6.91 31.83 11.74
C GLU B 155 6.62 33.23 12.29
N ALA B 156 7.55 33.79 13.06
CA ALA B 156 7.38 35.17 13.51
C ALA B 156 7.32 36.13 12.33
N GLU B 157 8.19 35.93 11.34
CA GLU B 157 8.18 36.77 10.15
C GLU B 157 6.87 36.61 9.39
N LEU B 158 6.43 35.36 9.18
CA LEU B 158 5.19 35.13 8.47
C LEU B 158 4.01 35.81 9.17
N LEU B 159 3.96 35.73 10.50
CA LEU B 159 2.84 36.32 11.23
C LEU B 159 2.90 37.84 11.21
N SER B 160 4.10 38.41 11.32
CA SER B 160 4.23 39.86 11.39
C SER B 160 4.24 40.52 10.02
N GLY B 161 4.56 39.78 8.96
CA GLY B 161 4.72 40.37 7.65
C GLY B 161 6.03 41.12 7.45
N ARG B 162 6.95 41.02 8.40
CA ARG B 162 8.24 41.71 8.33
C ARG B 162 9.36 40.71 8.54
N LYS B 163 10.39 40.79 7.71
CA LYS B 163 11.54 39.90 7.84
C LYS B 163 12.48 40.43 8.92
N ILE B 164 13.13 39.49 9.61
CA ILE B 164 14.02 39.81 10.73
C ILE B 164 15.46 39.68 10.25
N HIS B 165 16.22 40.76 10.38
CA HIS B 165 17.64 40.77 10.01
C HIS B 165 18.55 41.10 11.18
N SER B 166 18.00 41.53 12.33
CA SER B 166 18.81 41.91 13.47
C SER B 166 18.03 41.64 14.74
N GLN B 167 18.75 41.62 15.87
CA GLN B 167 18.09 41.45 17.16
C GLN B 167 17.07 42.55 17.41
N GLU B 168 17.41 43.79 17.03
CA GLU B 168 16.46 44.89 17.19
C GLU B 168 15.19 44.64 16.37
N GLU B 169 15.37 44.24 15.11
CA GLU B 169 14.21 43.92 14.27
C GLU B 169 13.42 42.75 14.88
N ALA B 170 14.12 41.78 15.47
CA ALA B 170 13.43 40.65 16.08
C ALA B 170 12.54 41.12 17.23
N PHE B 171 13.07 42.00 18.09
CA PHE B 171 12.27 42.46 19.22
C PHE B 171 11.15 43.39 18.78
N GLU B 172 11.34 44.12 17.68
CA GLU B 172 10.23 44.91 17.14
C GLU B 172 9.13 44.02 16.59
N VAL B 173 9.51 42.93 15.91
CA VAL B 173 8.54 41.95 15.45
C VAL B 173 7.80 41.34 16.65
N MET B 174 8.54 41.08 17.72
CA MET B 174 7.89 40.50 18.91
C MET B 174 6.95 41.51 19.58
N ASP B 175 7.27 42.80 19.51
CA ASP B 175 6.33 43.81 19.99
C ASP B 175 5.08 43.83 19.12
N MET B 176 5.24 43.71 17.80
CA MET B 176 4.07 43.58 16.92
C MET B 176 3.21 42.39 17.33
N LEU B 177 3.86 41.25 17.58
CA LEU B 177 3.11 40.06 17.97
C LEU B 177 2.40 40.27 19.31
N HIS B 178 3.08 40.88 20.28
CA HIS B 178 2.42 41.30 21.51
C HIS B 178 1.15 42.09 21.19
N CYS B 179 1.27 43.10 20.33
CA CYS B 179 0.11 43.90 19.96
C CYS B 179 -1.00 43.05 19.35
N MET B 180 -0.64 41.99 18.62
CA MET B 180 -1.66 41.12 18.07
C MET B 180 -2.39 40.31 19.14
N GLY B 181 -1.80 40.14 20.32
CA GLY B 181 -2.48 39.44 21.39
C GLY B 181 -1.60 38.98 22.54
N PRO B 182 -0.71 38.02 22.26
CA PRO B 182 -0.01 37.32 23.36
C PRO B 182 0.92 38.25 24.14
N ASP B 183 0.75 38.27 25.46
CA ASP B 183 1.64 39.03 26.32
C ASP B 183 2.99 38.36 26.53
N THR B 184 3.16 37.12 26.08
CA THR B 184 4.44 36.42 26.15
C THR B 184 4.77 35.85 24.79
N VAL B 185 5.98 36.13 24.30
CA VAL B 185 6.41 35.71 22.98
C VAL B 185 7.84 35.21 23.08
N VAL B 186 8.06 33.95 22.71
CA VAL B 186 9.40 33.37 22.66
C VAL B 186 9.66 32.95 21.22
N ILE B 187 10.70 33.53 20.62
CA ILE B 187 11.23 33.04 19.35
C ILE B 187 12.24 31.95 19.70
N THR B 188 11.90 30.71 19.41
CA THR B 188 12.67 29.56 19.77
C THR B 188 13.92 29.35 19.00
N SER B 189 13.93 29.60 17.72
CA SER B 189 15.14 29.47 16.98
C SER B 189 15.27 30.63 16.04
N SER B 190 16.47 31.06 15.76
CA SER B 190 16.69 32.18 14.90
C SER B 190 17.97 32.03 14.16
N ASP B 191 18.20 32.88 13.20
CA ASP B 191 19.41 32.88 12.44
C ASP B 191 20.39 33.94 12.85
N LEU B 192 20.14 34.64 13.93
CA LEU B 192 20.98 35.72 14.40
C LEU B 192 22.33 35.20 14.88
N PRO B 193 23.37 36.01 14.82
CA PRO B 193 24.66 35.44 15.15
C PRO B 193 24.95 35.30 16.62
N SER B 194 25.41 34.14 17.04
CA SER B 194 25.73 34.00 18.42
C SER B 194 27.06 34.61 18.64
N SER B 195 27.32 34.98 19.88
CA SER B 195 28.59 35.53 20.26
C SER B 195 29.59 34.44 20.64
N GLN B 196 29.18 33.19 20.68
CA GLN B 196 30.09 32.10 21.00
C GLN B 196 30.45 31.24 19.79
N GLY B 197 30.02 31.61 18.59
CA GLY B 197 30.42 30.94 17.38
C GLY B 197 29.26 30.28 16.66
N SER B 198 29.53 29.57 15.57
CA SER B 198 28.50 28.99 14.77
C SER B 198 27.80 27.80 15.34
N ASP B 199 28.28 27.30 16.43
CA ASP B 199 27.69 26.13 17.01
C ASP B 199 26.74 26.44 18.13
N TYR B 200 26.36 27.69 18.32
CA TYR B 200 25.43 28.07 19.33
C TYR B 200 24.31 28.83 18.66
N LEU B 201 23.10 28.72 19.17
CA LEU B 201 21.95 29.35 18.58
C LEU B 201 21.31 30.33 19.46
N ILE B 202 20.55 31.24 18.89
CA ILE B 202 19.91 32.28 19.63
C ILE B 202 18.42 32.15 19.77
N ALA B 203 17.88 32.32 20.96
CA ALA B 203 16.47 32.32 21.13
C ALA B 203 16.19 33.59 21.88
N LEU B 204 15.19 34.34 21.48
CA LEU B 204 14.87 35.56 22.16
C LEU B 204 13.60 35.40 22.87
N GLY B 205 13.24 36.20 23.92
CA GLY B 205 12.02 36.17 24.71
C GLY B 205 11.57 37.56 25.11
N SER B 206 10.25 37.78 25.14
CA SER B 206 9.70 39.07 25.50
C SER B 206 8.37 38.85 26.23
N GLN B 207 8.24 39.44 27.41
CA GLN B 207 7.01 39.34 28.20
C GLN B 207 6.51 40.74 28.48
N ARG B 208 5.29 41.03 28.02
CA ARG B 208 4.66 42.33 28.23
C ARG B 208 3.79 42.24 29.48
N MET B 209 4.27 42.80 30.57
CA MET B 209 3.58 42.80 31.85
C MET B 209 2.90 44.15 32.06
N ARG B 210 1.79 44.12 32.80
CA ARG B 210 0.90 45.26 32.92
C ARG B 210 0.97 45.81 34.34
N LYS B 211 1.18 47.12 34.44
CA LYS B 211 1.23 47.83 35.72
C LYS B 211 -0.19 48.04 36.22
N PRO B 212 -0.36 48.56 37.45
CA PRO B 212 -1.72 48.92 37.88
C PRO B 212 -2.41 49.85 36.88
N ASP B 213 -1.65 50.78 36.32
CA ASP B 213 -2.13 51.58 35.21
C ASP B 213 -2.32 50.71 33.98
N GLY B 214 -2.69 51.36 32.86
CA GLY B 214 -2.78 50.67 31.60
C GLY B 214 -1.45 50.65 30.87
N SER B 215 -0.37 50.93 31.60
CA SER B 215 0.95 51.02 31.00
C SER B 215 1.55 49.63 30.80
N THR B 216 2.45 49.53 29.81
CA THR B 216 3.11 48.29 29.46
C THR B 216 4.57 48.34 29.85
N VAL B 217 5.09 47.23 30.39
CA VAL B 217 6.51 47.09 30.67
C VAL B 217 6.94 45.74 30.11
N THR B 218 7.87 45.77 29.14
CA THR B 218 8.24 44.57 28.40
C THR B 218 9.63 44.12 28.84
N GLN B 219 9.68 43.00 29.55
CA GLN B 219 10.96 42.36 29.87
C GLN B 219 11.45 41.59 28.64
N ARG B 220 12.71 41.79 28.30
CA ARG B 220 13.32 41.17 27.13
C ARG B 220 14.55 40.37 27.54
N ILE B 221 14.69 39.17 27.00
CA ILE B 221 15.80 38.30 27.31
C ILE B 221 16.32 37.66 26.04
N ARG B 222 17.59 37.30 26.06
CA ARG B 222 18.17 36.70 24.94
C ARG B 222 18.81 35.40 25.42
N MET B 223 18.78 34.32 24.66
CA MET B 223 19.54 33.07 25.21
CA MET B 223 19.46 33.04 25.20
C MET B 223 20.38 32.31 24.05
N GLU B 224 21.50 31.82 24.50
CA GLU B 224 22.38 31.10 23.62
C GLU B 224 22.48 29.66 24.10
N MET B 225 22.21 28.70 23.24
CA MET B 225 22.27 27.30 23.61
C MET B 225 23.01 26.57 22.54
N ARG B 226 23.72 25.51 22.91
CA ARG B 226 24.49 24.79 21.95
C ARG B 226 23.64 24.06 20.97
N LYS B 227 24.10 23.89 19.75
CA LYS B 227 23.34 23.23 18.74
C LYS B 227 23.71 21.77 18.67
N VAL B 228 22.73 20.87 18.72
CA VAL B 228 22.99 19.47 18.64
C VAL B 228 22.91 19.13 17.18
N GLU B 229 23.79 18.29 16.68
CA GLU B 229 23.94 18.06 15.24
C GLU B 229 23.05 16.90 14.78
N ALA B 230 21.75 17.15 14.79
CA ALA B 230 20.79 16.17 14.30
C ALA B 230 19.45 16.86 14.10
N VAL B 231 18.56 16.19 13.37
CA VAL B 231 17.19 16.65 13.16
C VAL B 231 16.28 15.87 14.10
N PHE B 232 15.59 16.59 14.99
CA PHE B 232 14.67 16.00 15.95
C PHE B 232 13.25 16.41 15.61
N VAL B 233 12.29 15.56 15.98
CA VAL B 233 10.87 15.85 15.79
C VAL B 233 10.19 15.82 17.16
N GLY B 234 9.30 16.79 17.38
CA GLY B 234 8.62 16.92 18.65
C GLY B 234 9.24 17.91 19.60
N THR B 235 10.39 18.49 19.24
CA THR B 235 11.11 19.37 20.16
C THR B 235 10.29 20.61 20.49
N GLY B 236 9.56 21.15 19.51
CA GLY B 236 8.75 22.34 19.77
C GLY B 236 7.58 22.06 20.68
N ASP B 237 6.96 20.88 20.53
CA ASP B 237 5.87 20.48 21.43
C ASP B 237 6.38 20.36 22.86
N LEU B 238 7.52 19.69 23.05
CA LEU B 238 8.12 19.56 24.37
C LEU B 238 8.48 20.93 24.95
N PHE B 239 9.07 21.80 24.12
CA PHE B 239 9.41 23.14 24.57
C PHE B 239 8.18 23.88 25.06
N ALA B 240 7.10 23.85 24.26
CA ALA B 240 5.91 24.62 24.63
C ALA B 240 5.30 24.08 25.92
N ALA B 241 5.26 22.76 26.09
CA ALA B 241 4.71 22.18 27.31
C ALA B 241 5.54 22.61 28.53
N MET B 242 6.86 22.48 28.45
CA MET B 242 7.68 22.80 29.61
C MET B 242 7.69 24.29 29.89
N LEU B 243 7.58 25.14 28.87
CA LEU B 243 7.46 26.57 29.13
C LEU B 243 6.14 26.88 29.80
N LEU B 244 5.05 26.24 29.37
CA LEU B 244 3.80 26.35 30.12
C LEU B 244 4.04 26.10 31.60
N ALA B 245 4.64 24.95 31.92
CA ALA B 245 4.84 24.60 33.32
C ALA B 245 5.67 25.65 34.06
N TRP B 246 6.83 26.00 33.50
CA TRP B 246 7.77 26.86 34.23
C TRP B 246 7.26 28.29 34.32
N THR B 247 6.58 28.81 33.30
CA THR B 247 5.97 30.13 33.44
C THR B 247 4.83 30.10 34.45
N HIS B 248 4.13 28.97 34.57
CA HIS B 248 3.15 28.87 35.64
C HIS B 248 3.83 28.97 37.00
N LYS B 249 5.01 28.36 37.14
CA LYS B 249 5.74 28.50 38.39
C LYS B 249 6.34 29.89 38.55
N HIS B 250 6.69 30.54 37.44
CA HIS B 250 7.36 31.85 37.45
C HIS B 250 6.59 32.82 36.55
N PRO B 251 5.38 33.20 36.94
CA PRO B 251 4.53 33.98 36.04
C PRO B 251 5.07 35.37 35.71
N ASP B 252 6.01 35.90 36.51
CA ASP B 252 6.54 37.24 36.28
C ASP B 252 8.03 37.25 36.01
N ASN B 253 8.63 36.08 35.74
CA ASN B 253 10.08 35.97 35.55
C ASN B 253 10.31 35.05 34.34
N LEU B 254 10.15 35.63 33.14
CA LEU B 254 10.39 34.86 31.92
C LEU B 254 11.82 34.35 31.85
N LYS B 255 12.77 35.09 32.44
CA LYS B 255 14.16 34.65 32.44
C LYS B 255 14.29 33.26 33.05
N VAL B 256 13.78 33.09 34.28
CA VAL B 256 13.94 31.83 34.99
C VAL B 256 13.18 30.71 34.29
N ALA B 257 11.95 30.98 33.86
CA ALA B 257 11.15 29.97 33.19
C ALA B 257 11.86 29.47 31.94
N CYS B 258 12.38 30.39 31.13
CA CYS B 258 13.05 29.99 29.90
C CYS B 258 14.37 29.27 30.20
N GLU B 259 15.09 29.70 31.23
CA GLU B 259 16.31 28.99 31.61
C GLU B 259 16.01 27.54 31.93
N LYS B 260 15.01 27.29 32.78
CA LYS B 260 14.65 25.92 33.11
C LYS B 260 14.21 25.15 31.87
N THR B 261 13.37 25.76 31.03
CA THR B 261 12.85 25.06 29.87
C THR B 261 13.98 24.66 28.92
N VAL B 262 14.87 25.61 28.60
CA VAL B 262 15.93 25.32 27.64
C VAL B 262 16.95 24.35 28.23
N SER B 263 17.21 24.43 29.54
CA SER B 263 18.12 23.47 30.15
C SER B 263 17.55 22.06 30.08
N ALA B 264 16.25 21.91 30.35
CA ALA B 264 15.64 20.59 30.23
C ALA B 264 15.70 20.10 28.79
N MET B 265 15.40 20.98 27.83
CA MET B 265 15.53 20.62 26.42
C MET B 265 16.94 20.15 26.10
N GLN B 266 17.94 20.86 26.60
CA GLN B 266 19.33 20.52 26.29
C GLN B 266 19.70 19.17 26.89
N HIS B 267 19.27 18.90 28.12
CA HIS B 267 19.50 17.59 28.72
C HIS B 267 18.86 16.50 27.88
N VAL B 268 17.59 16.68 27.52
CA VAL B 268 16.87 15.66 26.75
C VAL B 268 17.56 15.43 25.41
N LEU B 269 17.93 16.50 24.72
CA LEU B 269 18.51 16.36 23.39
C LEU B 269 19.93 15.79 23.45
N GLN B 270 20.69 16.12 24.49
CA GLN B 270 22.03 15.56 24.63
C GLN B 270 21.97 14.06 24.92
N ARG B 271 21.12 13.65 25.85
CA ARG B 271 20.93 12.22 26.08
C ARG B 271 20.45 11.53 24.80
N THR B 272 19.51 12.16 24.09
CA THR B 272 18.97 11.54 22.89
C THR B 272 20.04 11.35 21.83
N ILE B 273 20.86 12.39 21.60
CA ILE B 273 21.89 12.28 20.56
C ILE B 273 22.91 11.21 20.94
N ARG B 274 23.32 11.16 22.21
CA ARG B 274 24.29 10.16 22.63
C ARG B 274 23.73 8.75 22.42
N CYS B 275 22.51 8.50 22.89
CA CYS B 275 21.91 7.18 22.70
C CYS B 275 21.76 6.85 21.21
N ALA B 276 21.39 7.86 20.41
CA ALA B 276 21.12 7.62 19.00
C ALA B 276 22.39 7.17 18.27
N LYS B 277 23.51 7.87 18.51
CA LYS B 277 24.73 7.44 17.85
C LYS B 277 25.32 6.19 18.48
N ALA B 278 24.93 5.86 19.72
CA ALA B 278 25.25 4.54 20.25
C ALA B 278 24.55 3.45 19.42
N GLU B 279 23.25 3.61 19.20
CA GLU B 279 22.50 2.62 18.43
C GLU B 279 23.09 2.44 17.03
N ALA B 280 23.21 3.52 16.28
CA ALA B 280 23.88 3.46 14.99
C ALA B 280 25.37 3.19 15.19
N GLY B 281 25.99 2.65 14.15
CA GLY B 281 27.42 2.43 14.20
C GLY B 281 28.20 3.73 14.29
N GLU B 282 29.46 3.62 14.71
CA GLU B 282 30.32 4.78 14.75
C GLU B 282 30.52 5.33 13.34
N GLY B 283 30.33 6.64 13.19
CA GLY B 283 30.41 7.27 11.89
C GLY B 283 29.17 7.15 11.05
N GLN B 284 28.09 6.57 11.58
CA GLN B 284 26.85 6.40 10.86
C GLN B 284 25.84 7.45 11.28
N LYS B 285 25.15 8.03 10.32
CA LYS B 285 24.12 9.01 10.61
C LYS B 285 22.91 8.32 11.21
N PRO B 286 22.52 8.64 12.45
CA PRO B 286 21.34 7.96 13.04
C PRO B 286 20.09 8.23 12.23
N SER B 287 19.22 7.23 12.18
CA SER B 287 17.96 7.32 11.47
C SER B 287 16.94 8.08 12.32
N PRO B 288 15.83 8.50 11.72
CA PRO B 288 14.76 9.10 12.52
C PRO B 288 14.29 8.21 13.66
N ALA B 289 14.15 6.90 13.40
CA ALA B 289 13.76 5.98 14.47
C ALA B 289 14.74 6.02 15.63
N GLN B 290 16.04 6.16 15.32
CA GLN B 290 17.07 6.17 16.35
C GLN B 290 17.19 7.52 17.05
N LEU B 291 16.52 8.56 16.54
CA LEU B 291 16.62 9.90 17.11
C LEU B 291 15.41 10.29 17.95
N GLU B 292 14.49 9.37 18.21
CA GLU B 292 13.34 9.68 19.04
C GLU B 292 13.80 10.16 20.41
N LEU B 293 13.17 11.24 20.89
CA LEU B 293 13.55 11.83 22.16
C LEU B 293 13.48 10.80 23.28
N ARG B 294 14.60 10.64 24.00
CA ARG B 294 14.67 9.73 25.14
C ARG B 294 14.02 10.43 26.33
N MET B 295 12.69 10.46 26.34
CA MET B 295 11.95 11.21 27.34
C MET B 295 11.82 10.44 28.65
N VAL B 296 11.49 9.15 28.57
CA VAL B 296 11.43 8.32 29.77
C VAL B 296 12.72 8.47 30.56
N GLN B 297 13.86 8.21 29.89
CA GLN B 297 15.16 8.27 30.54
C GLN B 297 15.51 9.68 31.00
N SER B 298 14.77 10.70 30.56
CA SER B 298 15.03 12.07 30.96
C SER B 298 14.07 12.57 32.05
N LYS B 299 13.27 11.67 32.63
CA LYS B 299 12.26 12.09 33.58
C LYS B 299 12.82 13.11 34.58
N ARG B 300 13.85 12.71 35.33
CA ARG B 300 14.35 13.58 36.39
C ARG B 300 14.84 14.92 35.84
N ASP B 301 15.50 14.91 34.68
CA ASP B 301 15.95 16.15 34.08
C ASP B 301 14.77 17.08 33.81
N ILE B 302 13.63 16.52 33.43
CA ILE B 302 12.44 17.33 33.19
C ILE B 302 11.86 17.83 34.51
N GLU B 303 12.04 17.09 35.60
CA GLU B 303 11.45 17.48 36.87
C GLU B 303 12.20 18.64 37.50
N ASP B 304 13.53 18.59 37.49
CA ASP B 304 14.35 19.60 38.15
C ASP B 304 15.66 19.71 37.37
N PRO B 305 15.64 20.38 36.22
CA PRO B 305 16.83 20.42 35.37
C PRO B 305 17.96 21.20 36.02
N GLU B 306 19.18 20.71 35.81
CA GLU B 306 20.36 21.49 36.16
C GLU B 306 20.52 22.64 35.17
N ILE B 307 20.64 23.86 35.68
CA ILE B 307 20.76 25.02 34.81
C ILE B 307 22.07 24.92 34.03
N VAL B 308 21.97 24.84 32.70
CA VAL B 308 23.12 24.80 31.82
C VAL B 308 23.13 25.94 30.82
N VAL B 309 22.16 26.85 30.90
CA VAL B 309 22.13 28.04 30.05
C VAL B 309 21.72 29.22 30.90
N GLN B 310 22.23 30.40 30.54
CA GLN B 310 21.95 31.63 31.27
C GLN B 310 21.43 32.68 30.29
N ALA B 311 20.25 33.21 30.58
CA ALA B 311 19.63 34.24 29.74
C ALA B 311 20.06 35.62 30.19
N THR B 312 20.24 36.52 29.24
CA THR B 312 20.64 37.89 29.50
C THR B 312 19.41 38.79 29.45
N VAL B 313 19.08 39.41 30.58
CA VAL B 313 17.99 40.37 30.64
C VAL B 313 18.45 41.67 30.01
N LEU B 314 17.73 42.14 28.99
CA LEU B 314 18.09 43.35 28.27
C LEU B 314 17.09 44.46 28.57
N GLU C 6 -18.99 -5.41 -33.16
CA GLU C 6 -18.14 -5.37 -31.99
C GLU C 6 -17.26 -4.12 -32.00
N CYS C 7 -16.43 -3.96 -30.97
CA CYS C 7 -15.69 -2.72 -30.74
C CYS C 7 -14.24 -2.92 -31.12
N ARG C 8 -13.73 -2.09 -32.02
CA ARG C 8 -12.37 -2.19 -32.53
C ARG C 8 -11.56 -0.97 -32.09
N VAL C 9 -10.31 -1.24 -31.70
CA VAL C 9 -9.42 -0.24 -31.11
C VAL C 9 -8.14 -0.18 -31.93
N LEU C 10 -7.78 1.01 -32.40
CA LEU C 10 -6.50 1.21 -33.07
C LEU C 10 -5.50 1.67 -32.03
N SER C 11 -4.56 0.79 -31.66
CA SER C 11 -3.56 1.08 -30.65
C SER C 11 -2.20 1.25 -31.32
N ILE C 12 -1.62 2.44 -31.18
CA ILE C 12 -0.34 2.78 -31.79
C ILE C 12 0.65 2.97 -30.64
N GLN C 13 1.42 1.93 -30.33
CA GLN C 13 2.25 1.96 -29.14
C GLN C 13 3.48 1.08 -29.32
N SER C 14 4.40 1.19 -28.37
CA SER C 14 5.66 0.47 -28.43
C SER C 14 5.45 -1.03 -28.25
N HIS C 15 6.43 -1.79 -28.73
CA HIS C 15 6.46 -3.24 -28.57
C HIS C 15 7.83 -3.64 -28.02
N VAL C 16 7.83 -4.41 -26.95
CA VAL C 16 9.05 -5.00 -26.40
C VAL C 16 8.98 -6.50 -26.59
N VAL C 17 10.14 -7.11 -26.82
CA VAL C 17 10.20 -8.56 -26.94
C VAL C 17 9.85 -9.21 -25.60
N ARG C 18 10.54 -8.82 -24.55
CA ARG C 18 10.26 -9.26 -23.20
C ARG C 18 9.58 -8.15 -22.42
N GLY C 19 8.57 -8.50 -21.64
CA GLY C 19 7.94 -7.58 -20.73
C GLY C 19 6.59 -7.10 -21.22
N TYR C 20 6.08 -6.08 -20.52
CA TYR C 20 4.74 -5.55 -20.78
C TYR C 20 4.77 -4.03 -20.67
N VAL C 21 4.96 -3.38 -21.82
CA VAL C 21 4.82 -1.94 -21.96
C VAL C 21 4.14 -1.67 -23.29
N GLY C 22 3.63 -0.45 -23.44
CA GLY C 22 3.00 -0.07 -24.70
C GLY C 22 1.95 -1.08 -25.11
N ASN C 23 2.06 -1.58 -26.36
CA ASN C 23 1.06 -2.51 -26.86
C ASN C 23 1.08 -3.83 -26.12
N ARG C 24 2.25 -4.27 -25.63
CA ARG C 24 2.28 -5.47 -24.81
C ARG C 24 1.39 -5.31 -23.58
N ALA C 25 1.43 -4.14 -22.95
CA ALA C 25 0.63 -3.89 -21.76
C ALA C 25 -0.85 -3.65 -22.07
N ALA C 26 -1.18 -3.26 -23.30
CA ALA C 26 -2.53 -2.83 -23.62
C ALA C 26 -3.35 -3.87 -24.36
N MET C 27 -2.76 -4.62 -25.29
CA MET C 27 -3.58 -5.45 -26.17
C MET C 27 -4.13 -6.67 -25.44
N PHE C 28 -3.31 -7.33 -24.62
CA PHE C 28 -3.81 -8.51 -23.91
C PHE C 28 -4.99 -8.17 -23.02
N PRO C 29 -4.96 -7.12 -22.19
CA PRO C 29 -6.16 -6.76 -21.43
C PRO C 29 -7.36 -6.42 -22.32
N LEU C 30 -7.15 -5.69 -23.40
CA LEU C 30 -8.27 -5.28 -24.25
C LEU C 30 -8.86 -6.48 -24.99
N GLN C 31 -8.01 -7.41 -25.43
CA GLN C 31 -8.51 -8.61 -26.07
C GLN C 31 -9.23 -9.51 -25.08
N VAL C 32 -8.70 -9.62 -23.86
CA VAL C 32 -9.34 -10.43 -22.83
C VAL C 32 -10.68 -9.83 -22.43
N LEU C 33 -10.81 -8.50 -22.50
CA LEU C 33 -12.05 -7.81 -22.18
C LEU C 33 -12.99 -7.71 -23.37
N GLY C 34 -12.65 -8.35 -24.49
CA GLY C 34 -13.58 -8.49 -25.61
C GLY C 34 -13.44 -7.49 -26.74
N PHE C 35 -12.39 -6.67 -26.73
CA PHE C 35 -12.18 -5.68 -27.78
C PHE C 35 -11.22 -6.22 -28.82
N GLU C 36 -11.59 -6.10 -30.09
CA GLU C 36 -10.67 -6.37 -31.17
C GLU C 36 -9.69 -5.20 -31.30
N VAL C 37 -8.42 -5.51 -31.52
CA VAL C 37 -7.37 -4.51 -31.47
C VAL C 37 -6.50 -4.61 -32.71
N ASP C 38 -6.39 -3.51 -33.45
CA ASP C 38 -5.39 -3.35 -34.49
C ASP C 38 -4.19 -2.62 -33.90
N ALA C 39 -3.04 -3.28 -33.86
CA ALA C 39 -1.87 -2.79 -33.15
C ALA C 39 -0.79 -2.37 -34.15
N VAL C 40 -0.40 -1.10 -34.08
CA VAL C 40 0.76 -0.59 -34.79
C VAL C 40 1.88 -0.42 -33.76
N ASN C 41 2.94 -1.22 -33.91
CA ASN C 41 4.07 -1.20 -32.99
C ASN C 41 5.00 -0.06 -33.39
N SER C 42 5.03 0.99 -32.57
CA SER C 42 5.85 2.15 -32.87
C SER C 42 7.34 1.86 -32.76
N VAL C 43 7.74 0.82 -32.03
CA VAL C 43 9.12 0.41 -31.91
C VAL C 43 9.15 -1.09 -31.62
N GLN C 44 10.36 -1.66 -31.68
CA GLN C 44 10.58 -3.04 -31.22
C GLN C 44 11.93 -3.08 -30.52
N PHE C 45 11.91 -3.30 -29.21
CA PHE C 45 13.11 -3.33 -28.40
C PHE C 45 13.22 -4.65 -27.65
N SER C 46 14.45 -4.97 -27.23
CA SER C 46 14.66 -6.12 -26.36
C SER C 46 13.76 -6.06 -25.13
N ASN C 47 13.61 -4.87 -24.56
CA ASN C 47 12.98 -4.66 -23.26
C ASN C 47 12.91 -3.16 -23.05
N HIS C 48 12.36 -2.75 -21.92
CA HIS C 48 12.14 -1.33 -21.69
C HIS C 48 13.39 -0.67 -21.12
N THR C 49 13.29 0.64 -20.89
CA THR C 49 14.46 1.45 -20.55
C THR C 49 15.11 1.00 -19.24
N GLY C 50 14.31 0.48 -18.30
CA GLY C 50 14.79 0.24 -16.95
C GLY C 50 15.92 -0.77 -16.85
N TYR C 51 16.05 -1.67 -17.81
CA TYR C 51 17.08 -2.69 -17.72
C TYR C 51 18.47 -2.06 -17.84
N ALA C 52 19.49 -2.89 -17.59
CA ALA C 52 20.87 -2.41 -17.71
C ALA C 52 21.23 -2.07 -19.15
N HIS C 53 20.69 -2.82 -20.10
CA HIS C 53 20.95 -2.60 -21.52
C HIS C 53 19.66 -2.80 -22.30
N TRP C 54 19.66 -2.31 -23.53
CA TRP C 54 18.51 -2.48 -24.42
C TRP C 54 18.95 -2.26 -25.85
N LYS C 55 18.40 -3.05 -26.76
CA LYS C 55 18.69 -2.93 -28.19
C LYS C 55 17.37 -3.05 -28.95
N GLY C 56 17.23 -2.25 -30.00
CA GLY C 56 16.00 -2.29 -30.77
C GLY C 56 15.95 -1.19 -31.81
N GLN C 57 14.82 -1.16 -32.50
CA GLN C 57 14.61 -0.29 -33.65
C GLN C 57 13.33 0.52 -33.45
N VAL C 58 13.27 1.65 -34.16
CA VAL C 58 12.17 2.60 -34.08
C VAL C 58 11.46 2.65 -35.43
N LEU C 59 10.13 2.71 -35.39
CA LEU C 59 9.34 2.90 -36.59
C LEU C 59 9.34 4.37 -36.99
N LYS C 60 9.52 4.68 -38.26
CA LYS C 60 9.54 6.05 -38.73
C LYS C 60 8.18 6.49 -39.16
N SER C 61 7.97 7.77 -39.22
CA SER C 61 6.68 8.31 -39.55
C SER C 61 6.16 7.89 -40.89
N GLN C 62 7.01 7.79 -41.89
CA GLN C 62 6.58 7.32 -43.18
C GLN C 62 6.12 5.89 -43.14
N GLU C 63 6.80 5.08 -42.34
CA GLU C 63 6.46 3.69 -42.13
C GLU C 63 5.10 3.58 -41.50
N LEU C 64 4.78 4.45 -40.56
CA LEU C 64 3.47 4.47 -39.97
C LEU C 64 2.45 4.82 -40.98
N HIS C 65 2.76 5.79 -41.81
CA HIS C 65 1.87 6.21 -42.84
C HIS C 65 1.61 5.11 -43.81
N GLU C 66 2.63 4.37 -44.18
CA GLU C 66 2.46 3.27 -45.08
C GLU C 66 1.57 2.22 -44.49
N LEU C 67 1.75 1.88 -43.23
CA LEU C 67 0.86 0.90 -42.60
C LEU C 67 -0.58 1.39 -42.58
N TYR C 68 -0.79 2.64 -42.18
CA TYR C 68 -2.15 3.17 -42.14
C TYR C 68 -2.78 3.17 -43.53
N GLU C 69 -2.02 3.58 -44.55
CA GLU C 69 -2.58 3.61 -45.89
C GLU C 69 -2.83 2.20 -46.42
N GLY C 70 -2.02 1.23 -46.00
CA GLY C 70 -2.32 -0.15 -46.33
C GLY C 70 -3.66 -0.58 -45.75
N LEU C 71 -3.95 -0.14 -44.51
CA LEU C 71 -5.28 -0.39 -43.95
C LEU C 71 -6.35 0.36 -44.73
N LYS C 72 -6.04 1.57 -45.18
CA LYS C 72 -7.04 2.45 -45.79
C LYS C 72 -7.47 1.91 -47.15
N VAL C 73 -6.52 1.60 -48.03
CA VAL C 73 -6.85 1.15 -49.37
C VAL C 73 -7.63 -0.16 -49.36
N ASN C 74 -7.52 -0.93 -48.27
CA ASN C 74 -8.31 -2.14 -48.09
C ASN C 74 -9.67 -1.84 -47.45
N ASP C 75 -9.92 -0.59 -47.08
CA ASP C 75 -11.22 -0.18 -46.54
C ASP C 75 -11.52 -0.89 -45.22
N VAL C 76 -10.49 -1.04 -44.38
CA VAL C 76 -10.66 -1.58 -43.04
C VAL C 76 -10.00 -0.64 -42.04
N ASN C 77 -9.89 0.64 -42.39
CA ASN C 77 -9.45 1.67 -41.46
C ASN C 77 -10.64 2.26 -40.71
N LYS C 78 -11.47 1.39 -40.15
CA LYS C 78 -12.71 1.76 -39.48
C LYS C 78 -12.61 1.33 -38.03
N TYR C 79 -12.76 2.29 -37.12
CA TYR C 79 -12.46 2.07 -35.71
C TYR C 79 -13.45 2.80 -34.82
N ASP C 80 -13.69 2.23 -33.64
CA ASP C 80 -14.46 2.88 -32.60
C ASP C 80 -13.58 3.66 -31.64
N TYR C 81 -12.31 3.26 -31.50
CA TYR C 81 -11.39 3.88 -30.56
C TYR C 81 -10.03 4.03 -31.20
N VAL C 82 -9.26 4.98 -30.69
CA VAL C 82 -7.83 5.08 -30.93
C VAL C 82 -7.14 5.21 -29.58
N LEU C 83 -5.99 4.54 -29.44
CA LEU C 83 -5.28 4.49 -28.18
C LEU C 83 -3.79 4.73 -28.44
N THR C 84 -3.20 5.68 -27.72
CA THR C 84 -1.80 6.02 -27.93
C THR C 84 -1.14 6.32 -26.58
N GLY C 85 0.18 6.24 -26.58
CA GLY C 85 0.96 6.53 -25.38
C GLY C 85 2.28 7.23 -25.66
N TYR C 86 3.38 6.57 -25.31
CA TYR C 86 4.68 7.20 -25.35
C TYR C 86 5.15 7.43 -26.78
N THR C 87 5.62 8.65 -27.06
CA THR C 87 6.20 9.00 -28.34
C THR C 87 7.26 10.06 -28.08
N ARG C 88 8.44 9.90 -28.70
CA ARG C 88 9.50 10.89 -28.60
C ARG C 88 9.70 11.69 -29.87
N ASP C 89 9.02 11.33 -30.95
CA ASP C 89 9.20 11.97 -32.25
C ASP C 89 8.02 12.91 -32.52
N LYS C 90 8.33 14.17 -32.82
CA LYS C 90 7.29 15.14 -33.13
C LYS C 90 6.52 14.73 -34.38
N SER C 91 7.24 14.32 -35.43
CA SER C 91 6.58 13.95 -36.67
C SER C 91 5.66 12.75 -36.47
N PHE C 92 6.06 11.81 -35.61
CA PHE C 92 5.22 10.64 -35.38
C PHE C 92 3.92 11.02 -34.70
N LEU C 93 3.98 11.87 -33.67
CA LEU C 93 2.78 12.31 -33.00
C LEU C 93 1.90 13.13 -33.94
N ALA C 94 2.52 13.92 -34.82
CA ALA C 94 1.74 14.69 -35.80
C ALA C 94 1.02 13.75 -36.76
N MET C 95 1.66 12.69 -37.16
CA MET C 95 1.08 11.72 -38.04
C MET C 95 -0.08 11.09 -37.35
N VAL C 96 0.06 10.76 -36.08
CA VAL C 96 -1.02 10.18 -35.29
C VAL C 96 -2.22 11.12 -35.25
N VAL C 97 -1.96 12.41 -35.01
CA VAL C 97 -3.04 13.39 -34.98
C VAL C 97 -3.76 13.43 -36.32
N ASP C 98 -3.02 13.37 -37.42
CA ASP C 98 -3.65 13.36 -38.74
C ASP C 98 -4.53 12.13 -38.92
N ILE C 99 -4.05 10.96 -38.50
CA ILE C 99 -4.85 9.74 -38.60
C ILE C 99 -6.14 9.90 -37.82
N VAL C 100 -6.04 10.42 -36.59
CA VAL C 100 -7.22 10.59 -35.76
C VAL C 100 -8.20 11.56 -36.40
N ARG C 101 -7.69 12.65 -36.98
CA ARG C 101 -8.57 13.61 -37.64
C ARG C 101 -9.33 12.95 -38.79
N GLU C 102 -8.63 12.20 -39.62
CA GLU C 102 -9.29 11.54 -40.74
C GLU C 102 -10.37 10.57 -40.25
N LEU C 103 -10.00 9.70 -39.30
CA LEU C 103 -10.94 8.70 -38.82
C LEU C 103 -12.16 9.35 -38.17
N LYS C 104 -11.94 10.44 -37.43
CA LYS C 104 -13.07 11.14 -36.81
C LYS C 104 -13.96 11.79 -37.85
N GLN C 105 -13.37 12.36 -38.90
CA GLN C 105 -14.18 12.91 -39.98
C GLN C 105 -15.00 11.81 -40.65
N GLN C 106 -14.48 10.59 -40.64
CA GLN C 106 -15.20 9.44 -41.19
C GLN C 106 -16.14 8.80 -40.18
N ASN C 107 -15.90 8.98 -38.88
CA ASN C 107 -16.77 8.44 -37.84
C ASN C 107 -16.82 9.46 -36.70
N SER C 108 -17.97 10.11 -36.53
CA SER C 108 -18.10 11.15 -35.52
C SER C 108 -18.11 10.61 -34.10
N ARG C 109 -18.44 9.33 -33.91
CA ARG C 109 -18.57 8.75 -32.59
C ARG C 109 -17.28 8.12 -32.08
N LEU C 110 -16.15 8.35 -32.76
CA LEU C 110 -14.90 7.73 -32.35
C LEU C 110 -14.34 8.40 -31.10
N VAL C 111 -13.75 7.60 -30.22
CA VAL C 111 -13.16 8.05 -28.97
C VAL C 111 -11.65 7.90 -29.08
N TYR C 112 -10.92 8.99 -28.91
CA TYR C 112 -9.46 8.96 -28.91
C TYR C 112 -8.99 8.99 -27.45
N VAL C 113 -8.46 7.86 -26.98
CA VAL C 113 -7.89 7.77 -25.65
C VAL C 113 -6.38 8.00 -25.77
N CYS C 114 -5.87 9.00 -25.05
CA CYS C 114 -4.48 9.41 -25.16
C CYS C 114 -3.86 9.47 -23.77
N ASP C 115 -2.68 8.86 -23.63
CA ASP C 115 -1.85 9.06 -22.44
C ASP C 115 -0.78 10.09 -22.80
N PRO C 116 -0.85 11.32 -22.29
CA PRO C 116 0.13 12.36 -22.70
C PRO C 116 1.46 12.20 -21.99
N VAL C 117 2.22 11.18 -22.40
CA VAL C 117 3.41 10.78 -21.65
C VAL C 117 4.53 11.76 -21.97
N MET C 118 4.89 12.59 -20.99
CA MET C 118 5.95 13.58 -21.14
C MET C 118 6.93 13.61 -19.97
N GLY C 119 6.62 12.97 -18.85
CA GLY C 119 7.50 13.02 -17.70
C GLY C 119 6.81 12.45 -16.48
N ASP C 120 7.44 12.67 -15.33
CA ASP C 120 6.87 12.22 -14.06
C ASP C 120 7.52 12.99 -12.92
N LYS C 121 6.98 12.79 -11.73
CA LYS C 121 7.41 13.49 -10.51
C LYS C 121 7.98 14.88 -10.80
N SER C 127 12.25 14.42 -14.34
CA SER C 127 11.30 15.35 -14.94
C SER C 127 10.87 14.87 -16.34
N MET C 128 11.49 15.40 -17.39
CA MET C 128 11.07 15.10 -18.75
C MET C 128 11.61 13.75 -19.22
N TYR C 129 10.73 12.93 -19.80
CA TYR C 129 11.11 11.73 -20.52
C TYR C 129 11.19 11.95 -22.03
N VAL C 130 10.80 13.13 -22.51
CA VAL C 130 10.52 13.36 -23.93
C VAL C 130 11.15 14.68 -24.34
N PRO C 131 11.54 14.81 -25.61
CA PRO C 131 12.03 16.10 -26.08
C PRO C 131 11.03 17.21 -25.79
N GLN C 132 11.56 18.37 -25.40
CA GLN C 132 10.69 19.45 -24.96
C GLN C 132 9.77 19.92 -26.09
N ASP C 133 10.25 19.84 -27.34
CA ASP C 133 9.47 20.32 -28.47
C ASP C 133 8.15 19.58 -28.64
N LEU C 134 7.92 18.51 -27.89
CA LEU C 134 6.65 17.79 -27.99
C LEU C 134 5.58 18.35 -27.05
N LEU C 135 5.94 19.10 -26.03
CA LEU C 135 4.92 19.69 -25.17
C LEU C 135 3.97 20.58 -25.96
N PRO C 136 4.44 21.46 -26.84
CA PRO C 136 3.49 22.20 -27.69
C PRO C 136 2.58 21.30 -28.49
N VAL C 137 3.14 20.28 -29.14
CA VAL C 137 2.34 19.41 -30.01
C VAL C 137 1.23 18.75 -29.21
N TYR C 138 1.53 18.27 -28.00
CA TYR C 138 0.48 17.70 -27.16
C TYR C 138 -0.54 18.75 -26.77
N ARG C 139 -0.08 19.98 -26.51
CA ARG C 139 -1.00 21.00 -26.01
C ARG C 139 -1.88 21.56 -27.12
N ASP C 140 -1.32 21.77 -28.31
CA ASP C 140 -2.03 22.47 -29.37
C ASP C 140 -2.57 21.54 -30.46
N LYS C 141 -2.17 20.27 -30.48
CA LYS C 141 -2.55 19.40 -31.59
C LYS C 141 -3.16 18.07 -31.17
N VAL C 142 -2.67 17.46 -30.08
CA VAL C 142 -3.16 16.14 -29.68
C VAL C 142 -4.35 16.28 -28.75
N VAL C 143 -4.17 16.95 -27.62
CA VAL C 143 -5.25 17.07 -26.64
C VAL C 143 -6.53 17.64 -27.29
N PRO C 144 -6.45 18.64 -28.17
CA PRO C 144 -7.68 19.16 -28.78
C PRO C 144 -8.55 18.11 -29.44
N VAL C 145 -7.95 17.08 -30.03
CA VAL C 145 -8.72 16.00 -30.65
C VAL C 145 -8.90 14.80 -29.73
N ALA C 146 -8.40 14.87 -28.50
CA ALA C 146 -8.54 13.77 -27.56
C ALA C 146 -9.87 13.86 -26.83
N ASP C 147 -10.39 12.71 -26.42
CA ASP C 147 -11.64 12.60 -25.67
C ASP C 147 -11.43 12.13 -24.24
N ILE C 148 -10.49 11.20 -24.03
CA ILE C 148 -10.09 10.75 -22.71
C ILE C 148 -8.58 10.88 -22.62
N ILE C 149 -8.10 11.58 -21.59
CA ILE C 149 -6.67 11.71 -21.35
C ILE C 149 -6.36 11.21 -19.94
N THR C 150 -5.20 10.58 -19.78
CA THR C 150 -4.79 9.99 -18.52
C THR C 150 -3.47 10.59 -18.04
N PRO C 151 -3.38 11.91 -17.93
CA PRO C 151 -2.13 12.53 -17.46
C PRO C 151 -1.84 12.21 -16.01
N ASN C 152 -0.58 12.38 -15.63
CA ASN C 152 -0.19 12.48 -14.24
C ASN C 152 -0.10 13.96 -13.87
N GLN C 153 0.03 14.24 -12.57
CA GLN C 153 0.01 15.63 -12.13
C GLN C 153 1.02 16.47 -12.88
N PHE C 154 2.25 15.96 -13.05
CA PHE C 154 3.28 16.70 -13.76
C PHE C 154 2.86 17.00 -15.19
N GLU C 155 2.29 16.01 -15.87
CA GLU C 155 1.84 16.20 -17.24
C GLU C 155 0.62 17.11 -17.31
N ALA C 156 -0.28 17.03 -16.32
CA ALA C 156 -1.41 17.94 -16.27
C ALA C 156 -0.94 19.38 -16.08
N GLU C 157 0.09 19.58 -15.25
CA GLU C 157 0.65 20.90 -15.05
C GLU C 157 1.28 21.42 -16.34
N LEU C 158 2.07 20.57 -17.02
CA LEU C 158 2.69 21.00 -18.27
C LEU C 158 1.63 21.38 -19.30
N LEU C 159 0.60 20.54 -19.45
CA LEU C 159 -0.46 20.84 -20.41
C LEU C 159 -1.21 22.11 -20.02
N SER C 160 -1.36 22.37 -18.73
CA SER C 160 -2.16 23.50 -18.26
C SER C 160 -1.33 24.77 -18.09
N GLY C 161 -0.04 24.65 -17.81
CA GLY C 161 0.77 25.80 -17.46
C GLY C 161 0.60 26.28 -16.04
N ARG C 162 -0.06 25.50 -15.19
CA ARG C 162 -0.33 25.89 -13.81
C ARG C 162 0.17 24.80 -12.88
N LYS C 163 0.86 25.21 -11.81
CA LYS C 163 1.31 24.28 -10.78
C LYS C 163 0.18 23.94 -9.83
N ILE C 164 0.06 22.67 -9.48
CA ILE C 164 -1.02 22.16 -8.64
C ILE C 164 -0.49 21.99 -7.23
N HIS C 165 -1.13 22.68 -6.28
CA HIS C 165 -0.79 22.58 -4.87
C HIS C 165 -1.94 22.04 -4.02
N SER C 166 -3.11 21.79 -4.61
CA SER C 166 -4.29 21.40 -3.86
C SER C 166 -5.12 20.44 -4.70
N GLN C 167 -6.13 19.85 -4.07
CA GLN C 167 -7.13 19.10 -4.82
C GLN C 167 -8.02 20.05 -5.62
N GLU C 168 -8.41 21.17 -5.00
CA GLU C 168 -9.22 22.17 -5.70
C GLU C 168 -8.48 22.69 -6.93
N GLU C 169 -7.20 23.04 -6.77
CA GLU C 169 -6.42 23.48 -7.92
C GLU C 169 -6.30 22.37 -8.96
N ALA C 170 -6.23 21.11 -8.52
CA ALA C 170 -6.15 20.00 -9.47
C ALA C 170 -7.42 19.91 -10.31
N PHE C 171 -8.58 20.07 -9.68
CA PHE C 171 -9.83 20.02 -10.45
C PHE C 171 -10.01 21.27 -11.31
N GLU C 172 -9.46 22.41 -10.89
CA GLU C 172 -9.45 23.58 -11.77
C GLU C 172 -8.59 23.33 -13.00
N VAL C 173 -7.42 22.71 -12.81
CA VAL C 173 -6.57 22.35 -13.95
C VAL C 173 -7.28 21.36 -14.84
N MET C 174 -8.01 20.42 -14.26
CA MET C 174 -8.74 19.44 -15.07
C MET C 174 -9.90 20.09 -15.81
N ASP C 175 -10.49 21.14 -15.24
CA ASP C 175 -11.48 21.92 -15.99
C ASP C 175 -10.84 22.63 -17.18
N MET C 176 -9.66 23.20 -16.98
CA MET C 176 -8.92 23.77 -18.11
C MET C 176 -8.66 22.71 -19.18
N LEU C 177 -8.25 21.51 -18.76
CA LEU C 177 -7.99 20.44 -19.72
C LEU C 177 -9.25 20.03 -20.45
N HIS C 178 -10.38 19.94 -19.73
CA HIS C 178 -11.67 19.77 -20.39
C HIS C 178 -11.88 20.83 -21.46
N CYS C 179 -11.59 22.09 -21.11
CA CYS C 179 -11.78 23.18 -22.05
C CYS C 179 -10.87 23.06 -23.26
N MET C 180 -9.74 22.36 -23.12
CA MET C 180 -8.88 22.12 -24.28
C MET C 180 -9.41 21.03 -25.18
N GLY C 181 -10.35 20.19 -24.72
CA GLY C 181 -10.96 19.20 -25.58
C GLY C 181 -11.57 18.01 -24.85
N PRO C 182 -10.74 17.23 -24.15
CA PRO C 182 -11.21 15.95 -23.61
C PRO C 182 -12.37 16.12 -22.62
N ASP C 183 -13.43 15.34 -22.82
CA ASP C 183 -14.54 15.33 -21.89
C ASP C 183 -14.29 14.47 -20.65
N THR C 184 -13.29 13.60 -20.68
CA THR C 184 -12.91 12.79 -19.51
C THR C 184 -11.43 12.98 -19.25
N VAL C 185 -11.09 13.43 -18.04
CA VAL C 185 -9.72 13.66 -17.63
C VAL C 185 -9.49 12.91 -16.32
N VAL C 186 -8.47 12.06 -16.30
CA VAL C 186 -8.09 11.33 -15.10
C VAL C 186 -6.63 11.64 -14.80
N ILE C 187 -6.38 12.33 -13.69
CA ILE C 187 -5.03 12.47 -13.17
C ILE C 187 -4.72 11.16 -12.44
N THR C 188 -3.86 10.34 -13.05
CA THR C 188 -3.61 8.98 -12.56
C THR C 188 -2.79 9.00 -11.30
N SER C 189 -1.83 9.90 -11.20
CA SER C 189 -0.97 9.96 -10.05
C SER C 189 -0.79 11.36 -9.61
N SER C 190 -0.65 11.59 -8.33
CA SER C 190 -0.45 12.91 -7.82
C SER C 190 0.39 12.84 -6.59
N ASP C 191 0.85 13.99 -6.14
CA ASP C 191 1.58 14.06 -4.90
C ASP C 191 0.75 14.64 -3.77
N LEU C 192 -0.55 14.65 -3.91
CA LEU C 192 -1.45 15.19 -2.90
C LEU C 192 -1.44 14.29 -1.66
N PRO C 193 -1.48 14.86 -0.47
CA PRO C 193 -1.36 14.05 0.74
C PRO C 193 -2.63 13.29 1.07
N SER C 194 -2.43 12.10 1.62
CA SER C 194 -3.51 11.28 2.15
C SER C 194 -3.55 11.39 3.67
N SER C 195 -4.76 11.35 4.21
CA SER C 195 -4.94 11.31 5.66
C SER C 195 -4.77 9.91 6.23
N GLN C 196 -4.57 8.90 5.37
CA GLN C 196 -4.41 7.52 5.81
C GLN C 196 -2.95 7.11 5.92
N GLY C 197 -2.02 7.95 5.50
CA GLY C 197 -0.62 7.60 5.57
C GLY C 197 0.18 7.99 4.33
N SER C 198 1.48 7.69 4.29
CA SER C 198 2.33 7.99 3.19
C SER C 198 2.24 6.95 2.10
N ASP C 199 1.59 5.85 2.35
CA ASP C 199 1.51 4.83 1.37
C ASP C 199 0.22 4.77 0.62
N TYR C 200 -0.27 5.90 0.24
CA TYR C 200 -1.47 5.96 -0.52
C TYR C 200 -1.26 6.97 -1.61
N LEU C 201 -1.71 6.69 -2.82
CA LEU C 201 -1.59 7.62 -3.90
C LEU C 201 -2.95 8.15 -4.19
N ILE C 202 -3.06 9.43 -4.52
CA ILE C 202 -4.34 10.01 -4.82
C ILE C 202 -4.51 10.19 -6.30
N ALA C 203 -5.64 9.76 -6.85
CA ALA C 203 -5.91 9.93 -8.23
C ALA C 203 -7.24 10.62 -8.33
N LEU C 204 -7.36 11.64 -9.15
CA LEU C 204 -8.61 12.34 -9.30
C LEU C 204 -9.17 12.09 -10.64
N GLY C 205 -10.49 12.24 -10.94
CA GLY C 205 -11.18 12.05 -12.20
C GLY C 205 -12.28 13.08 -12.38
N SER C 206 -12.50 13.46 -13.63
CA SER C 206 -13.49 14.48 -13.96
C SER C 206 -14.07 14.19 -15.35
N GLN C 207 -15.39 14.07 -15.44
CA GLN C 207 -16.07 13.80 -16.70
C GLN C 207 -17.16 14.83 -16.91
N ARG C 208 -17.08 15.58 -18.01
CA ARG C 208 -18.14 16.50 -18.41
C ARG C 208 -19.14 15.72 -19.26
N MET C 209 -20.32 15.47 -18.70
CA MET C 209 -21.34 14.64 -19.32
C MET C 209 -22.51 15.50 -19.78
N ARG C 210 -23.01 15.23 -20.97
CA ARG C 210 -24.04 16.06 -21.59
C ARG C 210 -25.42 15.50 -21.28
N LYS C 211 -26.25 16.30 -20.61
CA LYS C 211 -27.62 15.93 -20.30
C LYS C 211 -28.49 16.02 -21.55
N PRO C 212 -29.60 15.28 -21.59
CA PRO C 212 -30.50 15.41 -22.76
C PRO C 212 -31.04 16.81 -22.92
N ASP C 213 -31.23 17.55 -21.82
CA ASP C 213 -31.62 18.95 -21.89
C ASP C 213 -30.67 19.78 -22.75
N GLY C 214 -29.44 19.33 -22.93
CA GLY C 214 -28.40 20.12 -23.54
C GLY C 214 -27.44 20.74 -22.54
N SER C 215 -27.79 20.71 -21.26
CA SER C 215 -26.89 21.14 -20.20
C SER C 215 -25.76 20.12 -20.02
N THR C 216 -24.68 20.58 -19.39
CA THR C 216 -23.53 19.75 -19.11
C THR C 216 -23.29 19.71 -17.60
N VAL C 217 -23.13 18.51 -17.06
CA VAL C 217 -22.88 18.28 -15.64
C VAL C 217 -21.52 17.62 -15.51
N THR C 218 -20.71 18.11 -14.59
CA THR C 218 -19.33 17.65 -14.42
C THR C 218 -19.25 16.76 -13.18
N GLN C 219 -19.03 15.47 -13.39
CA GLN C 219 -18.84 14.51 -12.30
C GLN C 219 -17.36 14.47 -11.92
N ARG C 220 -17.08 14.68 -10.63
CA ARG C 220 -15.73 14.67 -10.10
C ARG C 220 -15.61 13.58 -9.04
N ILE C 221 -14.50 12.84 -9.08
CA ILE C 221 -14.27 11.74 -8.15
C ILE C 221 -12.82 11.76 -7.67
N ARG C 222 -12.60 11.22 -6.48
CA ARG C 222 -11.31 11.14 -5.87
C ARG C 222 -11.06 9.72 -5.43
N MET C 223 -9.85 9.22 -5.55
CA MET C 223 -9.55 7.87 -5.16
C MET C 223 -8.23 7.77 -4.45
N GLU C 224 -8.14 6.98 -3.38
CA GLU C 224 -6.89 6.79 -2.67
C GLU C 224 -6.52 5.33 -2.87
N MET C 225 -5.32 5.04 -3.31
CA MET C 225 -4.94 3.68 -3.61
C MET C 225 -3.66 3.31 -2.92
N ARG C 226 -3.52 2.07 -2.52
CA ARG C 226 -2.34 1.66 -1.82
C ARG C 226 -1.11 1.72 -2.67
N LYS C 227 -0.02 2.24 -2.16
CA LYS C 227 1.18 2.34 -2.92
C LYS C 227 1.99 1.09 -2.80
N VAL C 228 2.41 0.51 -3.91
CA VAL C 228 3.26 -0.65 -3.88
C VAL C 228 4.65 -0.09 -3.94
N GLU C 229 5.56 -0.58 -3.15
CA GLU C 229 6.89 0.01 -3.05
C GLU C 229 7.80 -0.61 -4.10
N ALA C 230 7.63 -0.15 -5.34
CA ALA C 230 8.48 -0.54 -6.46
C ALA C 230 8.15 0.37 -7.62
N VAL C 231 9.10 0.51 -8.55
CA VAL C 231 8.90 1.26 -9.78
C VAL C 231 8.54 0.27 -10.87
N PHE C 232 7.33 0.36 -11.43
CA PHE C 232 6.89 -0.50 -12.49
C PHE C 232 6.91 0.25 -13.79
N VAL C 233 6.90 -0.45 -14.90
CA VAL C 233 6.90 0.20 -16.19
C VAL C 233 5.77 -0.40 -16.97
N GLY C 234 5.01 0.40 -17.70
CA GLY C 234 3.88 -0.06 -18.43
C GLY C 234 2.59 0.09 -17.68
N THR C 235 2.65 0.62 -16.48
CA THR C 235 1.49 0.80 -15.67
C THR C 235 0.55 1.80 -16.26
N GLY C 236 1.09 2.85 -16.83
CA GLY C 236 0.31 3.86 -17.45
C GLY C 236 -0.39 3.33 -18.65
N ASP C 237 0.28 2.52 -19.41
CA ASP C 237 -0.32 1.93 -20.56
C ASP C 237 -1.37 0.95 -20.20
N LEU C 238 -1.22 0.23 -19.12
CA LEU C 238 -2.22 -0.70 -18.74
C LEU C 238 -3.41 0.01 -18.18
N PHE C 239 -3.18 1.08 -17.46
CA PHE C 239 -4.26 1.84 -16.92
C PHE C 239 -5.15 2.43 -18.00
N ALA C 240 -4.56 2.96 -19.05
CA ALA C 240 -5.29 3.55 -20.13
C ALA C 240 -6.08 2.55 -20.90
N ALA C 241 -5.52 1.42 -21.19
CA ALA C 241 -6.27 0.38 -21.89
C ALA C 241 -7.50 -0.04 -21.08
N MET C 242 -7.30 -0.33 -19.79
CA MET C 242 -8.42 -0.80 -18.98
C MET C 242 -9.45 0.29 -18.74
N LEU C 243 -9.01 1.55 -18.63
CA LEU C 243 -9.97 2.65 -18.53
C LEU C 243 -10.80 2.76 -19.80
N LEU C 244 -10.16 2.61 -20.96
CA LEU C 244 -10.91 2.54 -22.21
C LEU C 244 -12.02 1.51 -22.08
N ALA C 245 -11.65 0.27 -21.72
CA ALA C 245 -12.64 -0.80 -21.66
C ALA C 245 -13.79 -0.44 -20.71
N TRP C 246 -13.46 -0.02 -19.49
CA TRP C 246 -14.50 0.12 -18.47
C TRP C 246 -15.36 1.36 -18.70
N THR C 247 -14.79 2.45 -19.23
CA THR C 247 -15.64 3.56 -19.63
C THR C 247 -16.52 3.17 -20.80
N HIS C 248 -16.06 2.27 -21.66
CA HIS C 248 -16.95 1.75 -22.71
C HIS C 248 -18.12 0.99 -22.09
N LYS C 249 -17.87 0.26 -21.00
CA LYS C 249 -18.96 -0.43 -20.33
C LYS C 249 -19.83 0.52 -19.51
N HIS C 250 -19.24 1.57 -18.94
CA HIS C 250 -19.95 2.51 -18.06
C HIS C 250 -19.74 3.92 -18.58
N PRO C 251 -20.37 4.28 -19.70
CA PRO C 251 -20.04 5.54 -20.37
C PRO C 251 -20.46 6.79 -19.60
N ASP C 252 -21.40 6.68 -18.66
CA ASP C 252 -21.86 7.82 -17.88
C ASP C 252 -21.63 7.62 -16.39
N ASN C 253 -20.72 6.71 -16.01
CA ASN C 253 -20.43 6.43 -14.61
C ASN C 253 -18.91 6.32 -14.47
N LEU C 254 -18.24 7.47 -14.38
CA LEU C 254 -16.80 7.48 -14.20
C LEU C 254 -16.40 6.78 -12.91
N LYS C 255 -17.24 6.89 -11.88
CA LYS C 255 -16.91 6.27 -10.59
C LYS C 255 -16.66 4.78 -10.74
N VAL C 256 -17.60 4.06 -11.37
CA VAL C 256 -17.48 2.61 -11.49
C VAL C 256 -16.33 2.24 -12.42
N ALA C 257 -16.22 2.94 -13.55
CA ALA C 257 -15.13 2.66 -14.49
C ALA C 257 -13.78 2.78 -13.80
N CYS C 258 -13.57 3.87 -13.07
CA CYS C 258 -12.30 4.06 -12.39
C CYS C 258 -12.12 3.06 -11.26
N GLU C 259 -13.19 2.71 -10.55
CA GLU C 259 -13.06 1.72 -9.49
C GLU C 259 -12.57 0.39 -10.05
N LYS C 260 -13.16 -0.07 -11.15
CA LYS C 260 -12.72 -1.33 -11.74
C LYS C 260 -11.31 -1.23 -12.29
N THR C 261 -10.98 -0.13 -12.98
CA THR C 261 -9.63 0.04 -13.52
C THR C 261 -8.58 -0.01 -12.40
N VAL C 262 -8.79 0.79 -11.34
CA VAL C 262 -7.82 0.87 -10.26
C VAL C 262 -7.75 -0.45 -9.49
N SER C 263 -8.88 -1.13 -9.32
CA SER C 263 -8.86 -2.39 -8.59
C SER C 263 -8.08 -3.45 -9.36
N ALA C 264 -8.26 -3.49 -10.69
CA ALA C 264 -7.48 -4.42 -11.50
C ALA C 264 -5.99 -4.06 -11.45
N MET C 265 -5.66 -2.81 -11.40
CA MET C 265 -4.29 -2.43 -11.32
C MET C 265 -3.71 -2.84 -10.03
N GLN C 266 -4.47 -2.68 -8.97
CA GLN C 266 -3.98 -3.08 -7.65
C GLN C 266 -3.73 -4.57 -7.59
N HIS C 267 -4.66 -5.37 -8.14
CA HIS C 267 -4.44 -6.82 -8.15
C HIS C 267 -3.17 -7.17 -8.94
N VAL C 268 -3.03 -6.61 -10.14
CA VAL C 268 -1.86 -6.92 -10.96
C VAL C 268 -0.58 -6.55 -10.22
N LEU C 269 -0.52 -5.38 -9.66
CA LEU C 269 0.65 -4.91 -9.02
C LEU C 269 0.98 -5.60 -7.73
N GLN C 270 -0.01 -5.94 -6.97
CA GLN C 270 0.24 -6.66 -5.73
C GLN C 270 0.75 -8.07 -6.00
N ARG C 271 0.12 -8.78 -6.95
CA ARG C 271 0.67 -10.06 -7.38
C ARG C 271 2.09 -9.89 -7.91
N THR C 272 2.33 -8.82 -8.65
CA THR C 272 3.65 -8.63 -9.25
C THR C 272 4.71 -8.40 -8.19
N ILE C 273 4.43 -7.58 -7.19
CA ILE C 273 5.43 -7.35 -6.15
C ILE C 273 5.67 -8.63 -5.35
N ARG C 274 4.60 -9.34 -4.99
CA ARG C 274 4.77 -10.61 -4.28
C ARG C 274 5.67 -11.55 -5.07
N CYS C 275 5.32 -11.79 -6.33
CA CYS C 275 6.10 -12.73 -7.14
C CYS C 275 7.53 -12.27 -7.34
N ALA C 276 7.71 -10.96 -7.57
CA ALA C 276 9.05 -10.44 -7.84
C ALA C 276 9.96 -10.63 -6.65
N LYS C 277 9.51 -10.25 -5.45
CA LYS C 277 10.37 -10.42 -4.29
C LYS C 277 10.50 -11.89 -3.90
N ALA C 278 9.53 -12.72 -4.26
CA ALA C 278 9.70 -14.15 -4.09
C ALA C 278 10.87 -14.66 -4.93
N GLU C 279 10.91 -14.25 -6.21
CA GLU C 279 12.00 -14.65 -7.08
C GLU C 279 13.32 -14.07 -6.60
N ALA C 280 13.33 -12.77 -6.25
CA ALA C 280 14.49 -12.18 -5.62
C ALA C 280 14.70 -12.79 -4.24
N GLY C 281 15.89 -12.57 -3.68
CA GLY C 281 16.17 -13.06 -2.35
C GLY C 281 15.36 -12.32 -1.30
N GLU C 282 15.09 -13.02 -0.20
CA GLU C 282 14.36 -12.40 0.91
C GLU C 282 15.20 -11.27 1.49
N GLY C 283 14.61 -10.07 1.54
CA GLY C 283 15.34 -8.89 1.93
C GLY C 283 16.14 -8.25 0.82
N GLN C 284 15.96 -8.71 -0.42
CA GLN C 284 16.69 -8.20 -1.57
C GLN C 284 15.74 -7.45 -2.48
N LYS C 285 16.13 -6.26 -2.92
CA LYS C 285 15.29 -5.46 -3.79
C LYS C 285 15.17 -6.13 -5.16
N PRO C 286 13.96 -6.35 -5.67
CA PRO C 286 13.83 -6.96 -7.00
C PRO C 286 14.39 -6.07 -8.10
N SER C 287 14.82 -6.70 -9.17
CA SER C 287 15.40 -6.01 -10.32
C SER C 287 14.30 -5.57 -11.27
N PRO C 288 14.63 -4.73 -12.25
CA PRO C 288 13.63 -4.35 -13.26
C PRO C 288 13.10 -5.54 -14.04
N ALA C 289 13.90 -6.60 -14.19
CA ALA C 289 13.45 -7.77 -14.93
C ALA C 289 12.43 -8.56 -14.13
N GLN C 290 12.62 -8.65 -12.81
CA GLN C 290 11.71 -9.38 -11.94
C GLN C 290 10.42 -8.63 -11.67
N LEU C 291 10.37 -7.34 -11.98
CA LEU C 291 9.18 -6.53 -11.73
C LEU C 291 8.26 -6.43 -12.93
N GLU C 292 8.53 -7.18 -13.99
CA GLU C 292 7.64 -7.20 -15.14
C GLU C 292 6.24 -7.58 -14.70
N LEU C 293 5.22 -6.89 -15.19
CA LEU C 293 3.88 -7.11 -14.79
C LEU C 293 3.44 -8.52 -15.01
N ARG C 294 2.93 -9.16 -14.00
CA ARG C 294 2.44 -10.53 -14.15
C ARG C 294 1.03 -10.44 -14.73
N MET C 295 0.98 -10.18 -16.04
CA MET C 295 -0.29 -9.93 -16.71
C MET C 295 -1.03 -11.23 -16.99
N VAL C 296 -0.34 -12.20 -17.61
CA VAL C 296 -0.96 -13.49 -17.89
C VAL C 296 -1.58 -14.05 -16.62
N GLN C 297 -0.77 -14.14 -15.55
CA GLN C 297 -1.22 -14.70 -14.29
C GLN C 297 -2.33 -13.89 -13.64
N SER C 298 -2.61 -12.68 -14.13
CA SER C 298 -3.67 -11.83 -13.60
C SER C 298 -4.90 -11.81 -14.48
N LYS C 299 -4.93 -12.65 -15.53
CA LYS C 299 -6.03 -12.63 -16.49
C LYS C 299 -7.38 -12.48 -15.80
N ARG C 300 -7.71 -13.40 -14.88
CA ARG C 300 -9.02 -13.41 -14.26
C ARG C 300 -9.34 -12.06 -13.64
N ASP C 301 -8.41 -11.51 -12.86
CA ASP C 301 -8.69 -10.25 -12.17
C ASP C 301 -8.87 -9.10 -13.14
N ILE C 302 -8.26 -9.20 -14.33
CA ILE C 302 -8.50 -8.19 -15.36
C ILE C 302 -9.88 -8.36 -15.97
N GLU C 303 -10.37 -9.60 -16.06
CA GLU C 303 -11.67 -9.85 -16.66
C GLU C 303 -12.79 -9.29 -15.79
N ASP C 304 -12.74 -9.57 -14.49
CA ASP C 304 -13.80 -9.18 -13.56
C ASP C 304 -13.14 -8.77 -12.25
N PRO C 305 -12.59 -7.55 -12.20
CA PRO C 305 -11.85 -7.15 -11.00
C PRO C 305 -12.77 -7.02 -9.79
N GLU C 306 -12.41 -7.71 -8.71
CA GLU C 306 -13.08 -7.50 -7.44
C GLU C 306 -12.76 -6.10 -6.94
N ILE C 307 -13.79 -5.31 -6.65
CA ILE C 307 -13.61 -3.91 -6.32
C ILE C 307 -13.02 -3.83 -4.91
N VAL C 308 -11.74 -3.45 -4.83
CA VAL C 308 -11.06 -3.23 -3.55
C VAL C 308 -10.76 -1.77 -3.29
N VAL C 309 -11.19 -0.88 -4.19
CA VAL C 309 -11.09 0.56 -3.98
C VAL C 309 -12.46 1.15 -4.31
N GLN C 310 -12.86 2.17 -3.55
CA GLN C 310 -14.12 2.87 -3.80
C GLN C 310 -13.83 4.36 -3.88
N ALA C 311 -14.31 4.97 -4.96
CA ALA C 311 -14.05 6.39 -5.22
C ALA C 311 -15.11 7.24 -4.53
N THR C 312 -14.67 8.37 -3.98
CA THR C 312 -15.57 9.32 -3.33
C THR C 312 -16.03 10.35 -4.36
N VAL C 313 -17.33 10.45 -4.56
CA VAL C 313 -17.89 11.42 -5.49
C VAL C 313 -17.95 12.78 -4.79
N LEU C 314 -17.30 13.78 -5.39
CA LEU C 314 -17.28 15.12 -4.83
C LEU C 314 -18.42 15.95 -5.41
N GLU D 6 5.94 -18.40 -15.43
CA GLU D 6 6.59 -19.66 -15.13
C GLU D 6 7.11 -20.31 -16.41
N CYS D 7 6.20 -20.71 -17.29
CA CYS D 7 6.53 -21.36 -18.55
C CYS D 7 6.61 -20.30 -19.65
N ARG D 8 7.82 -20.02 -20.13
CA ARG D 8 8.07 -18.95 -21.09
C ARG D 8 8.35 -19.51 -22.47
N VAL D 9 7.77 -18.86 -23.48
CA VAL D 9 7.92 -19.26 -24.88
C VAL D 9 8.50 -18.09 -25.65
N LEU D 10 9.57 -18.34 -26.42
CA LEU D 10 10.11 -17.36 -27.36
C LEU D 10 9.50 -17.64 -28.72
N SER D 11 8.64 -16.75 -29.18
CA SER D 11 7.94 -16.90 -30.46
C SER D 11 8.48 -15.85 -31.43
N ILE D 12 9.00 -16.31 -32.57
CA ILE D 12 9.57 -15.45 -33.59
C ILE D 12 8.71 -15.63 -34.83
N GLN D 13 7.82 -14.67 -35.09
CA GLN D 13 6.85 -14.81 -36.17
C GLN D 13 6.43 -13.44 -36.66
N SER D 14 5.59 -13.44 -37.71
CA SER D 14 5.14 -12.21 -38.32
C SER D 14 4.11 -11.51 -37.43
N HIS D 15 3.98 -10.20 -37.64
CA HIS D 15 2.97 -9.39 -36.98
C HIS D 15 2.20 -8.60 -38.02
N VAL D 16 0.88 -8.62 -37.91
CA VAL D 16 0.01 -7.79 -38.74
C VAL D 16 -0.73 -6.81 -37.85
N VAL D 17 -0.93 -5.60 -38.35
CA VAL D 17 -1.70 -4.60 -37.61
C VAL D 17 -3.14 -5.07 -37.45
N ARG D 18 -3.76 -5.50 -38.55
CA ARG D 18 -5.10 -6.07 -38.54
C ARG D 18 -5.02 -7.54 -38.92
N GLY D 19 -5.75 -8.38 -38.18
CA GLY D 19 -5.82 -9.79 -38.45
C GLY D 19 -5.04 -10.60 -37.45
N TYR D 20 -5.09 -11.92 -37.63
CA TYR D 20 -4.46 -12.87 -36.72
C TYR D 20 -3.67 -13.88 -37.55
N VAL D 21 -2.38 -13.60 -37.70
CA VAL D 21 -1.43 -14.51 -38.32
C VAL D 21 -0.11 -14.34 -37.58
N GLY D 22 0.75 -15.35 -37.69
CA GLY D 22 2.02 -15.30 -36.99
C GLY D 22 1.80 -15.08 -35.50
N ASN D 23 2.44 -14.04 -34.96
CA ASN D 23 2.39 -13.82 -33.52
C ASN D 23 1.02 -13.34 -33.06
N ARG D 24 0.25 -12.67 -33.92
CA ARG D 24 -1.10 -12.30 -33.53
C ARG D 24 -1.96 -13.53 -33.27
N ALA D 25 -1.84 -14.55 -34.13
CA ALA D 25 -2.65 -15.75 -34.00
C ALA D 25 -2.16 -16.69 -32.92
N ALA D 26 -0.91 -16.56 -32.47
CA ALA D 26 -0.31 -17.52 -31.54
C ALA D 26 -0.09 -16.97 -30.14
N MET D 27 0.11 -15.66 -29.98
CA MET D 27 0.44 -15.12 -28.68
C MET D 27 -0.79 -15.01 -27.77
N PHE D 28 -1.93 -14.62 -28.34
CA PHE D 28 -3.13 -14.50 -27.52
C PHE D 28 -3.59 -15.86 -27.01
N PRO D 29 -3.69 -16.91 -27.84
CA PRO D 29 -4.06 -18.23 -27.30
C PRO D 29 -3.12 -18.71 -26.22
N LEU D 30 -1.81 -18.51 -26.39
CA LEU D 30 -0.85 -18.97 -25.41
C LEU D 30 -0.91 -18.14 -24.13
N GLN D 31 -1.22 -16.85 -24.25
CA GLN D 31 -1.33 -16.01 -23.06
C GLN D 31 -2.59 -16.34 -22.27
N VAL D 32 -3.69 -16.64 -22.96
CA VAL D 32 -4.91 -17.04 -22.25
C VAL D 32 -4.79 -18.45 -21.69
N LEU D 33 -3.84 -19.25 -22.19
CA LEU D 33 -3.60 -20.60 -21.69
C LEU D 33 -2.48 -20.64 -20.65
N GLY D 34 -1.99 -19.47 -20.22
CA GLY D 34 -1.10 -19.39 -19.07
C GLY D 34 0.37 -19.32 -19.35
N PHE D 35 0.79 -19.10 -20.59
CA PHE D 35 2.20 -19.05 -20.96
C PHE D 35 2.67 -17.61 -21.09
N GLU D 36 3.79 -17.29 -20.46
CA GLU D 36 4.47 -16.05 -20.76
C GLU D 36 5.12 -16.16 -22.13
N VAL D 37 5.09 -15.07 -22.90
CA VAL D 37 5.54 -15.09 -24.28
C VAL D 37 6.46 -13.90 -24.52
N ASP D 38 7.69 -14.18 -24.95
CA ASP D 38 8.59 -13.19 -25.51
C ASP D 38 8.45 -13.24 -27.04
N ALA D 39 8.00 -12.14 -27.63
CA ALA D 39 7.60 -12.11 -29.04
C ALA D 39 8.57 -11.27 -29.84
N VAL D 40 9.22 -11.90 -30.82
CA VAL D 40 9.96 -11.20 -31.86
C VAL D 40 9.07 -11.18 -33.10
N ASN D 41 8.78 -9.98 -33.59
CA ASN D 41 7.98 -9.80 -34.79
C ASN D 41 8.93 -9.76 -35.99
N SER D 42 8.85 -10.80 -36.83
CA SER D 42 9.75 -10.90 -37.96
C SER D 42 9.38 -9.93 -39.08
N VAL D 43 8.13 -9.45 -39.10
CA VAL D 43 7.67 -8.45 -40.04
C VAL D 43 6.67 -7.55 -39.32
N GLN D 44 6.27 -6.48 -40.01
CA GLN D 44 5.12 -5.69 -39.58
C GLN D 44 4.44 -5.20 -40.85
N PHE D 45 3.30 -5.83 -41.18
CA PHE D 45 2.50 -5.47 -42.34
C PHE D 45 1.13 -5.02 -41.88
N SER D 46 0.48 -4.21 -42.72
CA SER D 46 -0.87 -3.75 -42.41
C SER D 46 -1.82 -4.92 -42.20
N ASN D 47 -1.62 -6.00 -42.94
CA ASN D 47 -2.51 -7.16 -42.94
C ASN D 47 -1.79 -8.27 -43.69
N HIS D 48 -2.44 -9.42 -43.81
CA HIS D 48 -1.81 -10.55 -44.48
C HIS D 48 -2.01 -10.46 -45.99
N THR D 49 -1.17 -11.20 -46.72
CA THR D 49 -1.06 -11.01 -48.16
C THR D 49 -2.32 -11.42 -48.91
N GLY D 50 -3.22 -12.17 -48.28
CA GLY D 50 -4.47 -12.54 -48.92
C GLY D 50 -5.33 -11.36 -49.32
N TYR D 51 -5.16 -10.22 -48.67
CA TYR D 51 -5.94 -9.03 -49.02
C TYR D 51 -5.52 -8.52 -50.40
N ALA D 52 -6.27 -7.55 -50.90
CA ALA D 52 -5.94 -6.95 -52.19
C ALA D 52 -4.64 -6.16 -52.10
N HIS D 53 -4.39 -5.51 -50.97
CA HIS D 53 -3.18 -4.72 -50.76
C HIS D 53 -2.59 -5.05 -49.41
N TRP D 54 -1.32 -4.67 -49.23
CA TRP D 54 -0.63 -4.89 -47.98
C TRP D 54 0.73 -4.20 -48.00
N LYS D 55 1.03 -3.43 -46.97
CA LYS D 55 2.25 -2.65 -46.89
C LYS D 55 2.90 -2.83 -45.53
N GLY D 56 4.21 -2.68 -45.49
CA GLY D 56 4.91 -2.74 -44.22
C GLY D 56 6.39 -2.99 -44.42
N GLN D 57 7.04 -3.34 -43.31
CA GLN D 57 8.48 -3.53 -43.25
C GLN D 57 8.80 -4.95 -42.80
N VAL D 58 10.03 -5.38 -43.10
CA VAL D 58 10.50 -6.72 -42.78
C VAL D 58 11.74 -6.60 -41.92
N LEU D 59 11.84 -7.39 -40.85
CA LEU D 59 12.98 -7.31 -39.98
C LEU D 59 14.12 -8.02 -40.63
N LYS D 60 15.32 -7.55 -40.39
CA LYS D 60 16.46 -8.15 -40.97
C LYS D 60 17.12 -9.01 -39.97
N SER D 61 17.89 -9.97 -40.42
CA SER D 61 18.55 -10.92 -39.58
C SER D 61 19.48 -10.25 -38.62
N GLN D 62 20.18 -9.21 -39.04
CA GLN D 62 21.03 -8.47 -38.17
C GLN D 62 20.21 -7.87 -37.03
N GLU D 63 19.02 -7.37 -37.30
CA GLU D 63 18.13 -6.83 -36.30
C GLU D 63 17.64 -7.91 -35.35
N LEU D 64 17.37 -9.08 -35.84
CA LEU D 64 16.94 -10.16 -34.97
C LEU D 64 18.02 -10.51 -34.01
N HIS D 65 19.25 -10.56 -34.49
CA HIS D 65 20.35 -10.84 -33.65
C HIS D 65 20.53 -9.79 -32.60
N GLU D 66 20.34 -8.53 -32.92
CA GLU D 66 20.50 -7.49 -31.93
C GLU D 66 19.48 -7.60 -30.82
N LEU D 67 18.27 -7.96 -31.16
CA LEU D 67 17.26 -8.12 -30.17
C LEU D 67 17.65 -9.26 -29.28
N TYR D 68 18.04 -10.38 -29.85
CA TYR D 68 18.43 -11.52 -29.04
C TYR D 68 19.59 -11.16 -28.12
N GLU D 69 20.54 -10.36 -28.61
CA GLU D 69 21.68 -9.97 -27.79
C GLU D 69 21.28 -8.97 -26.71
N GLY D 70 20.29 -8.13 -26.98
CA GLY D 70 19.72 -7.31 -25.93
C GLY D 70 19.15 -8.15 -24.81
N LEU D 71 18.50 -9.27 -25.17
CA LEU D 71 17.98 -10.16 -24.13
C LEU D 71 19.12 -10.89 -23.41
N LYS D 72 20.14 -11.34 -24.15
CA LYS D 72 21.19 -12.16 -23.55
C LYS D 72 22.09 -11.33 -22.65
N VAL D 73 22.42 -10.10 -23.06
CA VAL D 73 23.25 -9.25 -22.22
C VAL D 73 22.52 -8.84 -20.95
N ASN D 74 21.20 -8.95 -20.93
CA ASN D 74 20.41 -8.74 -19.72
C ASN D 74 20.15 -10.03 -18.95
N ASP D 75 20.68 -11.16 -19.43
CA ASP D 75 20.56 -12.44 -18.75
C ASP D 75 19.12 -12.93 -18.68
N VAL D 76 18.28 -12.50 -19.63
CA VAL D 76 16.91 -12.98 -19.73
C VAL D 76 16.74 -13.66 -21.08
N ASN D 77 17.67 -14.55 -21.43
CA ASN D 77 17.60 -15.37 -22.64
C ASN D 77 17.30 -16.81 -22.27
N LYS D 78 16.35 -17.00 -21.34
CA LYS D 78 16.02 -18.30 -20.77
C LYS D 78 14.58 -18.63 -21.13
N TYR D 79 14.39 -19.78 -21.79
CA TYR D 79 13.08 -20.14 -22.32
C TYR D 79 12.82 -21.62 -22.13
N ASP D 80 11.53 -21.95 -21.95
CA ASP D 80 11.09 -23.33 -21.91
C ASP D 80 10.66 -23.84 -23.28
N TYR D 81 10.27 -22.95 -24.19
CA TYR D 81 9.84 -23.32 -25.52
C TYR D 81 10.36 -22.30 -26.53
N VAL D 82 10.41 -22.73 -27.79
CA VAL D 82 10.65 -21.86 -28.93
C VAL D 82 9.64 -22.21 -30.01
N LEU D 83 9.10 -21.18 -30.66
CA LEU D 83 8.01 -21.36 -31.62
C LEU D 83 8.28 -20.51 -32.85
N THR D 84 8.11 -21.11 -34.03
CA THR D 84 8.33 -20.40 -35.27
C THR D 84 7.35 -20.89 -36.33
N GLY D 85 7.16 -20.08 -37.36
CA GLY D 85 6.31 -20.42 -38.48
C GLY D 85 6.89 -19.93 -39.78
N TYR D 86 6.10 -19.19 -40.56
CA TYR D 86 6.56 -18.71 -41.85
C TYR D 86 7.79 -17.83 -41.69
N THR D 87 8.81 -18.10 -42.51
CA THR D 87 10.02 -17.30 -42.56
C THR D 87 10.38 -17.06 -44.01
N ARG D 88 10.72 -15.81 -44.34
CA ARG D 88 10.95 -15.43 -45.73
C ARG D 88 12.39 -15.70 -46.16
N ASP D 89 13.36 -15.28 -45.37
CA ASP D 89 14.76 -15.30 -45.78
C ASP D 89 15.52 -16.46 -45.16
N LYS D 90 16.48 -16.99 -45.92
CA LYS D 90 17.37 -18.04 -45.42
C LYS D 90 18.20 -17.53 -44.24
N SER D 91 18.66 -16.29 -44.32
CA SER D 91 19.46 -15.72 -43.24
C SER D 91 18.70 -15.74 -41.93
N PHE D 92 17.40 -15.39 -41.97
CA PHE D 92 16.60 -15.35 -40.75
C PHE D 92 16.40 -16.74 -40.18
N LEU D 93 16.12 -17.73 -41.03
CA LEU D 93 16.02 -19.11 -40.55
C LEU D 93 17.32 -19.57 -39.92
N ALA D 94 18.43 -19.26 -40.53
CA ALA D 94 19.70 -19.68 -40.02
C ALA D 94 19.99 -19.05 -38.71
N MET D 95 19.65 -17.80 -38.55
CA MET D 95 19.85 -17.12 -37.31
C MET D 95 18.96 -17.74 -36.25
N VAL D 96 17.75 -18.10 -36.61
CA VAL D 96 16.88 -18.73 -35.69
C VAL D 96 17.44 -20.04 -35.21
N VAL D 97 18.06 -20.79 -36.11
CA VAL D 97 18.63 -22.08 -35.73
C VAL D 97 19.81 -21.87 -34.79
N ASP D 98 20.62 -20.84 -35.03
CA ASP D 98 21.71 -20.53 -34.09
C ASP D 98 21.15 -20.25 -32.70
N ILE D 99 20.07 -19.45 -32.63
CA ILE D 99 19.46 -19.14 -31.35
C ILE D 99 18.96 -20.41 -30.67
N VAL D 100 18.32 -21.29 -31.43
CA VAL D 100 17.80 -22.53 -30.86
C VAL D 100 18.95 -23.39 -30.34
N ARG D 101 20.05 -23.45 -31.08
CA ARG D 101 21.21 -24.22 -30.63
C ARG D 101 21.73 -23.71 -29.30
N GLU D 102 21.93 -22.39 -29.20
CA GLU D 102 22.47 -21.82 -27.97
C GLU D 102 21.50 -22.01 -26.80
N LEU D 103 20.20 -21.81 -27.06
CA LEU D 103 19.21 -21.96 -25.99
C LEU D 103 19.10 -23.41 -25.53
N LYS D 104 19.23 -24.37 -26.45
CA LYS D 104 19.23 -25.77 -26.05
C LYS D 104 20.52 -26.15 -25.32
N GLN D 105 21.61 -25.45 -25.61
CA GLN D 105 22.80 -25.61 -24.77
C GLN D 105 22.53 -25.14 -23.35
N GLN D 106 21.83 -24.02 -23.19
CA GLN D 106 21.57 -23.51 -21.84
C GLN D 106 20.50 -24.33 -21.12
N ASN D 107 19.50 -24.81 -21.85
CA ASN D 107 18.43 -25.63 -21.26
C ASN D 107 18.31 -26.92 -22.05
N SER D 108 18.60 -28.05 -21.38
CA SER D 108 18.62 -29.32 -22.07
C SER D 108 17.22 -29.74 -22.53
N ARG D 109 16.18 -29.39 -21.77
CA ARG D 109 14.83 -29.83 -22.06
C ARG D 109 14.00 -28.76 -22.76
N LEU D 110 14.64 -27.73 -23.31
CA LEU D 110 13.93 -26.78 -24.15
C LEU D 110 13.27 -27.52 -25.31
N VAL D 111 12.06 -27.08 -25.67
CA VAL D 111 11.27 -27.71 -26.72
C VAL D 111 11.06 -26.70 -27.84
N TYR D 112 11.57 -27.02 -29.02
CA TYR D 112 11.41 -26.19 -30.21
C TYR D 112 10.23 -26.70 -31.01
N VAL D 113 9.16 -25.91 -31.06
CA VAL D 113 8.00 -26.21 -31.89
C VAL D 113 8.18 -25.43 -33.19
N CYS D 114 8.17 -26.14 -34.31
CA CYS D 114 8.48 -25.56 -35.61
C CYS D 114 7.40 -25.95 -36.62
N ASP D 115 6.74 -24.94 -37.20
CA ASP D 115 5.87 -25.17 -38.34
C ASP D 115 6.71 -24.98 -39.60
N PRO D 116 7.04 -26.05 -40.34
CA PRO D 116 7.92 -25.90 -41.52
C PRO D 116 7.16 -25.47 -42.77
N VAL D 117 6.83 -24.19 -42.83
CA VAL D 117 5.92 -23.68 -43.85
C VAL D 117 6.70 -23.45 -45.15
N MET D 118 6.35 -24.20 -46.19
CA MET D 118 7.01 -24.13 -47.48
C MET D 118 6.05 -24.08 -48.66
N GLY D 119 4.81 -24.53 -48.50
CA GLY D 119 3.88 -24.63 -49.60
C GLY D 119 2.72 -25.52 -49.20
N ASP D 120 1.86 -25.80 -50.17
CA ASP D 120 0.71 -26.64 -49.89
C ASP D 120 0.17 -27.19 -51.22
N LYS D 121 -1.09 -27.62 -51.21
CA LYS D 121 -1.70 -28.25 -52.38
C LYS D 121 -2.26 -27.22 -53.34
N GLY D 126 -0.17 -28.62 -56.23
CA GLY D 126 1.08 -28.72 -55.51
C GLY D 126 2.09 -27.66 -55.94
N SER D 127 2.32 -26.68 -55.07
CA SER D 127 3.26 -25.60 -55.36
C SER D 127 3.84 -25.07 -54.06
N MET D 128 5.05 -24.54 -54.14
CA MET D 128 5.71 -23.90 -53.02
C MET D 128 5.45 -22.40 -53.05
N TYR D 129 5.14 -21.82 -51.90
CA TYR D 129 4.94 -20.38 -51.76
C TYR D 129 6.01 -19.74 -50.88
N VAL D 130 7.23 -20.25 -50.97
CA VAL D 130 8.39 -19.66 -50.29
C VAL D 130 9.59 -19.94 -51.19
N PRO D 131 10.66 -19.13 -51.12
CA PRO D 131 11.84 -19.43 -51.95
C PRO D 131 12.32 -20.86 -51.72
N GLN D 132 12.47 -21.60 -52.82
CA GLN D 132 12.95 -22.98 -52.72
C GLN D 132 14.29 -23.05 -52.00
N ASP D 133 15.06 -21.95 -52.06
CA ASP D 133 16.31 -21.83 -51.32
C ASP D 133 16.19 -22.27 -49.87
N LEU D 134 14.99 -22.32 -49.31
CA LEU D 134 14.83 -22.64 -47.89
C LEU D 134 14.60 -24.12 -47.62
N LEU D 135 14.18 -24.91 -48.62
CA LEU D 135 13.91 -26.31 -48.35
C LEU D 135 15.12 -27.03 -47.76
N PRO D 136 16.34 -26.87 -48.30
CA PRO D 136 17.49 -27.50 -47.64
C PRO D 136 17.66 -27.07 -46.19
N VAL D 137 17.56 -25.77 -45.92
CA VAL D 137 17.79 -25.27 -44.57
C VAL D 137 16.84 -25.92 -43.58
N TYR D 138 15.55 -26.03 -43.95
CA TYR D 138 14.60 -26.72 -43.10
C TYR D 138 14.98 -28.19 -42.94
N ARG D 139 15.39 -28.83 -44.02
CA ARG D 139 15.64 -30.27 -44.00
C ARG D 139 16.94 -30.60 -43.25
N ASP D 140 17.98 -29.79 -43.46
CA ASP D 140 19.31 -30.12 -42.96
C ASP D 140 19.72 -29.37 -41.72
N LYS D 141 19.02 -28.28 -41.38
CA LYS D 141 19.47 -27.44 -40.25
C LYS D 141 18.38 -27.17 -39.23
N VAL D 142 17.14 -26.94 -39.65
CA VAL D 142 16.09 -26.54 -38.71
C VAL D 142 15.41 -27.76 -38.12
N VAL D 143 14.86 -28.62 -38.98
CA VAL D 143 14.14 -29.80 -38.48
C VAL D 143 15.02 -30.65 -37.59
N PRO D 144 16.32 -30.83 -37.87
CA PRO D 144 17.15 -31.64 -36.96
C PRO D 144 17.13 -31.17 -35.51
N VAL D 145 16.93 -29.87 -35.26
CA VAL D 145 16.87 -29.36 -33.89
C VAL D 145 15.44 -29.10 -33.44
N ALA D 146 14.45 -29.56 -34.20
CA ALA D 146 13.06 -29.43 -33.80
C ALA D 146 12.63 -30.63 -32.97
N ASP D 147 11.70 -30.39 -32.04
CA ASP D 147 11.12 -31.44 -31.23
C ASP D 147 9.67 -31.73 -31.57
N ILE D 148 8.93 -30.71 -32.00
CA ILE D 148 7.56 -30.86 -32.49
C ILE D 148 7.47 -30.11 -33.81
N ILE D 149 6.90 -30.75 -34.83
CA ILE D 149 6.69 -30.09 -36.11
C ILE D 149 5.28 -30.41 -36.61
N THR D 150 4.68 -29.43 -37.28
CA THR D 150 3.30 -29.48 -37.72
C THR D 150 3.20 -29.30 -39.24
N PRO D 151 3.84 -30.16 -40.01
CA PRO D 151 3.78 -30.01 -41.47
C PRO D 151 2.42 -30.39 -42.02
N ASN D 152 2.16 -29.95 -43.25
CA ASN D 152 1.07 -30.47 -44.04
C ASN D 152 1.60 -31.67 -44.83
N GLN D 153 0.71 -32.35 -45.56
CA GLN D 153 1.16 -33.48 -46.37
C GLN D 153 2.25 -33.05 -47.35
N PHE D 154 2.05 -31.90 -48.01
CA PHE D 154 3.00 -31.45 -49.02
C PHE D 154 4.36 -31.17 -48.42
N GLU D 155 4.45 -30.63 -47.24
CA GLU D 155 5.67 -30.28 -46.60
C GLU D 155 6.32 -31.53 -46.11
N ALA D 156 5.54 -32.41 -45.53
CA ALA D 156 6.07 -33.71 -45.16
C ALA D 156 6.73 -34.38 -46.35
N GLU D 157 6.08 -34.35 -47.51
CA GLU D 157 6.63 -34.98 -48.71
C GLU D 157 7.89 -34.27 -49.18
N LEU D 158 7.93 -32.95 -49.09
CA LEU D 158 9.13 -32.22 -49.53
C LEU D 158 10.31 -32.51 -48.62
N LEU D 159 10.09 -32.50 -47.30
CA LEU D 159 11.19 -32.80 -46.39
C LEU D 159 11.59 -34.27 -46.45
N SER D 160 10.66 -35.14 -46.81
CA SER D 160 10.95 -36.58 -46.83
C SER D 160 11.63 -37.00 -48.12
N GLY D 161 11.30 -36.36 -49.24
CA GLY D 161 11.69 -36.84 -50.53
C GLY D 161 10.78 -37.90 -51.12
N ARG D 162 9.69 -38.24 -50.43
CA ARG D 162 8.80 -39.31 -50.86
C ARG D 162 7.37 -38.78 -50.92
N LYS D 163 6.69 -39.07 -52.02
CA LYS D 163 5.29 -38.71 -52.16
C LYS D 163 4.42 -39.73 -51.43
N ILE D 164 3.39 -39.24 -50.74
CA ILE D 164 2.53 -40.07 -49.91
C ILE D 164 1.28 -40.42 -50.71
N HIS D 165 0.98 -41.72 -50.81
CA HIS D 165 -0.22 -42.20 -51.47
C HIS D 165 -1.11 -43.03 -50.55
N SER D 166 -0.68 -43.28 -49.32
CA SER D 166 -1.43 -44.14 -48.42
C SER D 166 -1.23 -43.65 -46.99
N GLN D 167 -2.10 -44.13 -46.09
CA GLN D 167 -1.90 -43.85 -44.67
C GLN D 167 -0.62 -44.51 -44.18
N GLU D 168 -0.36 -45.74 -44.60
CA GLU D 168 0.88 -46.42 -44.23
C GLU D 168 2.10 -45.64 -44.71
N GLU D 169 2.06 -45.16 -45.96
CA GLU D 169 3.17 -44.37 -46.46
C GLU D 169 3.29 -43.03 -45.74
N ALA D 170 2.17 -42.47 -45.31
CA ALA D 170 2.23 -41.25 -44.50
C ALA D 170 2.94 -41.51 -43.18
N PHE D 171 2.61 -42.62 -42.51
CA PHE D 171 3.27 -42.94 -41.25
C PHE D 171 4.73 -43.31 -41.46
N GLU D 172 5.08 -43.88 -42.61
CA GLU D 172 6.50 -44.15 -42.89
C GLU D 172 7.27 -42.86 -43.12
N VAL D 173 6.67 -41.90 -43.83
CA VAL D 173 7.29 -40.59 -43.98
C VAL D 173 7.42 -39.91 -42.63
N MET D 174 6.40 -40.05 -41.78
CA MET D 174 6.47 -39.44 -40.46
C MET D 174 7.52 -40.11 -39.58
N ASP D 175 7.77 -41.41 -39.80
CA ASP D 175 8.85 -42.07 -39.07
C ASP D 175 10.21 -41.62 -39.57
N MET D 176 10.36 -41.39 -40.89
CA MET D 176 11.57 -40.76 -41.39
C MET D 176 11.77 -39.39 -40.73
N LEU D 177 10.70 -38.60 -40.65
CA LEU D 177 10.77 -37.29 -40.00
C LEU D 177 11.15 -37.42 -38.54
N HIS D 178 10.58 -38.41 -37.83
CA HIS D 178 11.01 -38.72 -36.48
C HIS D 178 12.51 -38.95 -36.43
N CYS D 179 13.02 -39.75 -37.38
CA CYS D 179 14.44 -40.08 -37.40
C CYS D 179 15.31 -38.86 -37.73
N MET D 180 14.73 -37.82 -38.34
CA MET D 180 15.51 -36.61 -38.58
C MET D 180 15.62 -35.72 -37.35
N GLY D 181 14.72 -35.85 -36.38
CA GLY D 181 14.82 -35.05 -35.18
C GLY D 181 13.58 -35.09 -34.29
N PRO D 182 12.49 -34.48 -34.75
CA PRO D 182 11.31 -34.30 -33.90
C PRO D 182 10.76 -35.62 -33.37
N ASP D 183 10.58 -35.69 -32.05
CA ASP D 183 9.92 -36.85 -31.45
C ASP D 183 8.41 -36.80 -31.59
N THR D 184 7.83 -35.65 -31.95
CA THR D 184 6.41 -35.54 -32.24
C THR D 184 6.24 -34.93 -33.62
N VAL D 185 5.43 -35.57 -34.47
CA VAL D 185 5.15 -35.11 -35.81
C VAL D 185 3.65 -35.19 -36.04
N VAL D 186 3.07 -34.12 -36.56
CA VAL D 186 1.63 -34.06 -36.86
C VAL D 186 1.47 -33.52 -38.27
N ILE D 187 0.96 -34.37 -39.17
CA ILE D 187 0.52 -33.91 -40.49
C ILE D 187 -0.88 -33.34 -40.31
N THR D 188 -1.03 -32.02 -40.44
CA THR D 188 -2.29 -31.36 -40.20
C THR D 188 -3.34 -31.54 -41.23
N SER D 189 -2.98 -31.60 -42.48
CA SER D 189 -3.98 -31.82 -43.49
C SER D 189 -3.44 -32.71 -44.55
N SER D 190 -4.25 -33.48 -45.25
CA SER D 190 -3.73 -34.36 -46.28
C SER D 190 -4.78 -34.76 -47.29
N ASP D 191 -4.38 -35.31 -48.41
CA ASP D 191 -5.33 -35.74 -49.44
C ASP D 191 -5.81 -37.16 -49.22
N LEU D 192 -5.48 -37.78 -48.09
CA LEU D 192 -5.88 -39.16 -47.86
C LEU D 192 -7.40 -39.26 -47.74
N PRO D 193 -7.99 -40.35 -48.21
CA PRO D 193 -9.45 -40.44 -48.28
C PRO D 193 -10.06 -40.82 -46.93
N SER D 194 -11.19 -40.17 -46.61
CA SER D 194 -11.88 -40.42 -45.37
C SER D 194 -13.11 -41.21 -45.65
N SER D 195 -13.58 -41.93 -44.66
CA SER D 195 -14.77 -42.75 -44.81
C SER D 195 -16.07 -42.01 -44.57
N GLN D 196 -16.00 -40.75 -44.14
CA GLN D 196 -17.19 -39.94 -43.89
C GLN D 196 -17.57 -39.09 -45.09
N GLY D 197 -16.99 -39.34 -46.25
CA GLY D 197 -17.10 -38.44 -47.37
C GLY D 197 -15.94 -37.45 -47.43
N SER D 198 -15.72 -36.77 -48.61
CA SER D 198 -14.65 -35.85 -48.91
C SER D 198 -14.82 -34.52 -48.27
N ASP D 199 -15.97 -34.34 -47.63
CA ASP D 199 -16.25 -33.25 -46.77
C ASP D 199 -15.35 -33.27 -45.54
N TYR D 200 -14.87 -34.42 -45.10
CA TYR D 200 -13.95 -34.51 -44.04
C TYR D 200 -12.53 -34.60 -44.54
N LEU D 201 -11.59 -34.00 -43.83
CA LEU D 201 -10.19 -34.07 -44.17
C LEU D 201 -9.49 -34.82 -43.06
N ILE D 202 -8.35 -35.43 -43.34
CA ILE D 202 -7.72 -36.22 -42.33
C ILE D 202 -6.39 -35.73 -41.88
N ALA D 203 -6.08 -35.85 -40.62
CA ALA D 203 -4.79 -35.48 -40.12
C ALA D 203 -4.23 -36.67 -39.38
N LEU D 204 -2.91 -36.72 -39.25
CA LEU D 204 -2.25 -37.85 -38.61
C LEU D 204 -1.25 -37.34 -37.60
N GLY D 205 -1.06 -38.12 -36.53
CA GLY D 205 -0.11 -37.76 -35.50
C GLY D 205 0.72 -38.95 -35.06
N SER D 206 1.99 -38.71 -34.77
CA SER D 206 2.91 -39.75 -34.32
C SER D 206 3.85 -39.16 -33.29
N GLN D 207 4.04 -39.87 -32.19
CA GLN D 207 4.98 -39.45 -31.15
C GLN D 207 5.86 -40.62 -30.75
N ARG D 208 7.18 -40.41 -30.82
CA ARG D 208 8.14 -41.40 -30.35
C ARG D 208 8.48 -41.09 -28.90
N MET D 209 8.10 -41.99 -28.00
CA MET D 209 8.32 -41.85 -26.57
C MET D 209 9.57 -42.60 -26.16
N ARG D 210 10.23 -42.05 -25.12
CA ARG D 210 11.61 -42.37 -24.83
C ARG D 210 11.78 -43.79 -24.30
N LYS D 211 10.81 -44.29 -23.56
CA LYS D 211 10.90 -45.57 -22.85
C LYS D 211 12.29 -45.69 -22.21
N PRO D 212 12.67 -44.75 -21.33
CA PRO D 212 13.99 -44.86 -20.67
C PRO D 212 14.17 -46.20 -20.00
N ASP D 213 13.04 -46.87 -19.69
CA ASP D 213 13.09 -48.24 -19.22
C ASP D 213 13.87 -49.13 -20.17
N GLY D 214 13.38 -49.25 -21.40
CA GLY D 214 14.03 -50.08 -22.40
C GLY D 214 14.26 -49.38 -23.73
N SER D 215 13.46 -49.73 -24.74
CA SER D 215 13.63 -49.20 -26.08
C SER D 215 12.87 -47.88 -26.27
N THR D 216 12.24 -47.69 -27.42
CA THR D 216 11.44 -46.51 -27.72
C THR D 216 10.12 -46.95 -28.32
N VAL D 217 9.04 -46.26 -27.96
CA VAL D 217 7.68 -46.70 -28.33
C VAL D 217 6.99 -45.60 -29.11
N THR D 218 6.44 -45.95 -30.28
CA THR D 218 5.81 -44.99 -31.17
C THR D 218 4.29 -45.08 -31.05
N GLN D 219 3.67 -43.97 -30.63
CA GLN D 219 2.22 -43.84 -30.65
C GLN D 219 1.78 -43.21 -31.97
N ARG D 220 0.65 -43.67 -32.49
CA ARG D 220 0.07 -43.17 -33.73
C ARG D 220 -1.41 -42.88 -33.53
N ILE D 221 -1.90 -41.82 -34.14
CA ILE D 221 -3.30 -41.41 -34.04
C ILE D 221 -3.76 -40.90 -35.40
N ARG D 222 -5.03 -41.14 -35.71
CA ARG D 222 -5.68 -40.65 -36.91
C ARG D 222 -6.86 -39.78 -36.50
N MET D 223 -7.08 -38.65 -37.17
CA MET D 223 -8.18 -37.78 -36.82
C MET D 223 -8.91 -37.34 -38.05
N GLU D 224 -10.21 -37.13 -37.95
CA GLU D 224 -10.94 -36.64 -39.09
C GLU D 224 -11.70 -35.39 -38.71
N MET D 225 -11.57 -34.28 -39.45
CA MET D 225 -12.28 -33.07 -39.13
C MET D 225 -13.22 -32.70 -40.22
N ARG D 226 -14.28 -32.00 -39.91
CA ARG D 226 -15.23 -31.58 -40.92
C ARG D 226 -14.61 -30.42 -41.61
N LYS D 227 -14.71 -30.32 -42.92
CA LYS D 227 -14.07 -29.19 -43.55
C LYS D 227 -14.95 -27.95 -43.63
N VAL D 228 -14.44 -26.84 -43.18
CA VAL D 228 -15.12 -25.56 -43.35
C VAL D 228 -14.85 -25.06 -44.76
N GLU D 229 -15.92 -24.69 -45.47
CA GLU D 229 -15.83 -24.33 -46.89
C GLU D 229 -15.38 -22.87 -47.04
N ALA D 230 -14.15 -22.61 -46.60
CA ALA D 230 -13.57 -21.28 -46.70
C ALA D 230 -12.07 -21.37 -46.58
N VAL D 231 -11.39 -20.34 -47.08
CA VAL D 231 -9.94 -20.22 -47.00
C VAL D 231 -9.60 -19.30 -45.85
N PHE D 232 -8.89 -19.83 -44.86
CA PHE D 232 -8.49 -19.09 -43.66
C PHE D 232 -6.98 -18.91 -43.64
N VAL D 233 -6.54 -17.81 -43.06
CA VAL D 233 -5.12 -17.47 -42.96
C VAL D 233 -4.74 -17.44 -41.49
N GLY D 234 -3.57 -17.99 -41.17
CA GLY D 234 -3.10 -18.06 -39.80
C GLY D 234 -3.51 -19.32 -39.07
N THR D 235 -4.32 -20.19 -39.69
CA THR D 235 -4.74 -21.43 -39.04
C THR D 235 -3.56 -22.23 -38.54
N GLY D 236 -2.48 -22.30 -39.34
CA GLY D 236 -1.35 -23.12 -38.95
C GLY D 236 -0.62 -22.60 -37.72
N ASP D 237 -0.43 -21.29 -37.65
CA ASP D 237 0.24 -20.72 -36.49
C ASP D 237 -0.57 -20.95 -35.21
N LEU D 238 -1.88 -20.73 -35.28
CA LEU D 238 -2.75 -21.01 -34.15
C LEU D 238 -2.68 -22.48 -33.75
N PHE D 239 -2.72 -23.37 -34.73
CA PHE D 239 -2.65 -24.80 -34.45
C PHE D 239 -1.37 -25.14 -33.71
N ALA D 240 -0.23 -24.65 -34.21
CA ALA D 240 1.04 -24.95 -33.56
C ALA D 240 1.09 -24.38 -32.14
N ALA D 241 0.58 -23.17 -31.94
CA ALA D 241 0.61 -22.57 -30.61
C ALA D 241 -0.22 -23.39 -29.62
N MET D 242 -1.45 -23.73 -30.00
CA MET D 242 -2.29 -24.48 -29.07
C MET D 242 -1.79 -25.90 -28.88
N LEU D 243 -1.14 -26.49 -29.90
CA LEU D 243 -0.53 -27.80 -29.72
C LEU D 243 0.62 -27.71 -28.71
N LEU D 244 1.42 -26.64 -28.78
CA LEU D 244 2.42 -26.41 -27.74
C LEU D 244 1.77 -26.43 -26.36
N ALA D 245 0.70 -25.62 -26.20
CA ALA D 245 0.06 -25.50 -24.89
C ALA D 245 -0.47 -26.85 -24.39
N TRP D 246 -1.07 -27.64 -25.29
CA TRP D 246 -1.69 -28.88 -24.83
C TRP D 246 -0.71 -30.05 -24.70
N THR D 247 0.40 -30.03 -25.45
CA THR D 247 1.42 -31.06 -25.24
C THR D 247 2.20 -30.81 -23.96
N HIS D 248 2.47 -29.53 -23.63
CA HIS D 248 2.94 -29.22 -22.28
C HIS D 248 1.96 -29.72 -21.23
N LYS D 249 0.66 -29.56 -21.48
CA LYS D 249 -0.30 -30.06 -20.49
C LYS D 249 -0.34 -31.59 -20.44
N HIS D 250 -0.18 -32.25 -21.59
CA HIS D 250 -0.26 -33.71 -21.69
C HIS D 250 0.95 -34.22 -22.46
N PRO D 251 2.13 -34.20 -21.83
CA PRO D 251 3.36 -34.46 -22.59
C PRO D 251 3.49 -35.88 -23.13
N ASP D 252 2.79 -36.86 -22.55
CA ASP D 252 2.91 -38.24 -22.97
C ASP D 252 1.61 -38.81 -23.53
N ASN D 253 0.62 -37.96 -23.80
CA ASN D 253 -0.67 -38.39 -24.36
C ASN D 253 -1.00 -37.48 -25.54
N LEU D 254 -0.45 -37.83 -26.71
CA LEU D 254 -0.71 -37.03 -27.90
C LEU D 254 -2.17 -37.08 -28.30
N LYS D 255 -2.87 -38.17 -27.97
CA LYS D 255 -4.27 -38.30 -28.34
C LYS D 255 -5.09 -37.12 -27.82
N VAL D 256 -5.03 -36.89 -26.50
CA VAL D 256 -5.88 -35.87 -25.90
C VAL D 256 -5.40 -34.47 -26.26
N ALA D 257 -4.08 -34.28 -26.36
CA ALA D 257 -3.56 -32.97 -26.76
C ALA D 257 -4.06 -32.59 -28.14
N CYS D 258 -3.95 -33.50 -29.10
CA CYS D 258 -4.43 -33.22 -30.46
C CYS D 258 -5.95 -33.05 -30.47
N GLU D 259 -6.67 -33.84 -29.66
CA GLU D 259 -8.11 -33.68 -29.59
C GLU D 259 -8.49 -32.27 -29.15
N LYS D 260 -7.90 -31.80 -28.05
CA LYS D 260 -8.21 -30.45 -27.58
C LYS D 260 -7.80 -29.40 -28.60
N THR D 261 -6.62 -29.56 -29.20
CA THR D 261 -6.14 -28.58 -30.18
C THR D 261 -7.12 -28.45 -31.35
N VAL D 262 -7.46 -29.58 -31.97
CA VAL D 262 -8.32 -29.51 -33.15
C VAL D 262 -9.75 -29.16 -32.77
N SER D 263 -10.18 -29.48 -31.54
CA SER D 263 -11.50 -29.05 -31.11
C SER D 263 -11.57 -27.53 -31.00
N ALA D 264 -10.58 -26.93 -30.34
CA ALA D 264 -10.51 -25.47 -30.28
C ALA D 264 -10.47 -24.87 -31.68
N MET D 265 -9.65 -25.45 -32.56
CA MET D 265 -9.58 -24.94 -33.93
C MET D 265 -10.92 -25.03 -34.63
N GLN D 266 -11.63 -26.13 -34.44
CA GLN D 266 -12.94 -26.30 -35.07
C GLN D 266 -13.92 -25.25 -34.57
N HIS D 267 -13.92 -25.00 -33.26
CA HIS D 267 -14.80 -23.96 -32.73
C HIS D 267 -14.47 -22.60 -33.32
N VAL D 268 -13.18 -22.25 -33.36
CA VAL D 268 -12.78 -20.95 -33.88
C VAL D 268 -13.22 -20.80 -35.33
N LEU D 269 -12.96 -21.82 -36.15
CA LEU D 269 -13.28 -21.71 -37.57
C LEU D 269 -14.78 -21.72 -37.82
N GLN D 270 -15.55 -22.48 -37.03
CA GLN D 270 -17.00 -22.49 -37.20
C GLN D 270 -17.60 -21.14 -36.83
N ARG D 271 -17.15 -20.55 -35.70
CA ARG D 271 -17.61 -19.20 -35.36
C ARG D 271 -17.21 -18.21 -36.44
N THR D 272 -15.97 -18.31 -36.94
CA THR D 272 -15.49 -17.37 -37.93
C THR D 272 -16.32 -17.47 -39.22
N ILE D 273 -16.68 -18.67 -39.64
CA ILE D 273 -17.44 -18.79 -40.87
C ILE D 273 -18.87 -18.32 -40.67
N ARG D 274 -19.46 -18.60 -39.50
CA ARG D 274 -20.79 -18.07 -39.23
C ARG D 274 -20.79 -16.54 -39.30
N CYS D 275 -19.88 -15.91 -38.56
CA CYS D 275 -19.82 -14.45 -38.53
C CYS D 275 -19.47 -13.88 -39.90
N ALA D 276 -18.62 -14.58 -40.66
CA ALA D 276 -18.22 -14.09 -41.98
C ALA D 276 -19.38 -14.17 -42.95
N LYS D 277 -20.11 -15.29 -42.96
CA LYS D 277 -21.27 -15.41 -43.84
C LYS D 277 -22.36 -14.42 -43.45
N ALA D 278 -22.48 -14.09 -42.17
CA ALA D 278 -23.45 -13.07 -41.76
C ALA D 278 -23.02 -11.69 -42.24
N GLU D 279 -21.77 -11.30 -41.95
CA GLU D 279 -21.28 -10.00 -42.41
C GLU D 279 -21.44 -9.87 -43.92
N ALA D 280 -20.92 -10.84 -44.67
CA ALA D 280 -21.12 -10.87 -46.11
C ALA D 280 -22.60 -11.04 -46.43
N GLY D 281 -22.97 -10.59 -47.62
CA GLY D 281 -24.36 -10.65 -48.03
C GLY D 281 -24.90 -12.07 -48.07
N GLU D 282 -26.21 -12.16 -48.27
CA GLU D 282 -26.87 -13.45 -48.42
C GLU D 282 -26.35 -14.16 -49.65
N GLY D 283 -25.82 -15.37 -49.47
CA GLY D 283 -25.31 -16.15 -50.58
C GLY D 283 -24.11 -15.55 -51.28
N GLN D 284 -23.45 -14.57 -50.67
CA GLN D 284 -22.28 -13.92 -51.24
C GLN D 284 -21.02 -14.41 -50.53
N LYS D 285 -19.94 -14.52 -51.29
CA LYS D 285 -18.70 -15.08 -50.75
C LYS D 285 -18.08 -14.09 -49.76
N PRO D 286 -17.68 -14.53 -48.57
CA PRO D 286 -17.02 -13.61 -47.64
C PRO D 286 -15.64 -13.22 -48.14
N SER D 287 -15.27 -11.97 -47.90
CA SER D 287 -13.97 -11.46 -48.31
C SER D 287 -12.90 -11.91 -47.32
N PRO D 288 -11.63 -11.80 -47.68
CA PRO D 288 -10.57 -12.15 -46.71
C PRO D 288 -10.67 -11.34 -45.43
N ALA D 289 -10.90 -10.03 -45.53
CA ALA D 289 -11.04 -9.21 -44.34
C ALA D 289 -12.16 -9.71 -43.44
N GLN D 290 -13.22 -10.26 -44.03
CA GLN D 290 -14.35 -10.76 -43.25
C GLN D 290 -14.14 -12.20 -42.77
N LEU D 291 -13.09 -12.87 -43.23
CA LEU D 291 -12.78 -14.23 -42.80
C LEU D 291 -11.69 -14.27 -41.74
N GLU D 292 -11.17 -13.12 -41.32
CA GLU D 292 -10.20 -13.08 -40.23
C GLU D 292 -10.73 -13.87 -39.03
N LEU D 293 -9.84 -14.63 -38.41
CA LEU D 293 -10.25 -15.47 -37.29
C LEU D 293 -10.82 -14.62 -36.17
N ARG D 294 -11.93 -15.08 -35.61
CA ARG D 294 -12.58 -14.42 -34.47
C ARG D 294 -12.01 -14.96 -33.16
N MET D 295 -10.70 -14.73 -32.99
CA MET D 295 -9.98 -15.29 -31.85
C MET D 295 -10.48 -14.70 -30.54
N VAL D 296 -10.63 -13.38 -30.49
CA VAL D 296 -11.12 -12.72 -29.28
C VAL D 296 -12.41 -13.39 -28.81
N GLN D 297 -13.42 -13.41 -29.68
CA GLN D 297 -14.73 -13.94 -29.34
C GLN D 297 -14.71 -15.43 -29.05
N SER D 298 -13.62 -16.13 -29.36
CA SER D 298 -13.49 -17.55 -29.09
C SER D 298 -12.62 -17.83 -27.87
N LYS D 299 -12.24 -16.80 -27.11
CA LYS D 299 -11.33 -16.98 -25.99
C LYS D 299 -11.68 -18.20 -25.15
N ARG D 300 -12.93 -18.28 -24.68
CA ARG D 300 -13.30 -19.36 -23.77
C ARG D 300 -13.12 -20.73 -24.43
N ASP D 301 -13.50 -20.86 -25.70
CA ASP D 301 -13.29 -22.13 -26.39
C ASP D 301 -11.82 -22.49 -26.45
N ILE D 302 -10.94 -21.47 -26.53
CA ILE D 302 -9.51 -21.73 -26.55
C ILE D 302 -9.03 -22.13 -25.16
N GLU D 303 -9.73 -21.69 -24.10
CA GLU D 303 -9.29 -21.98 -22.74
C GLU D 303 -9.63 -23.41 -22.33
N ASP D 304 -10.83 -23.86 -22.67
CA ASP D 304 -11.30 -25.20 -22.28
C ASP D 304 -12.23 -25.70 -23.36
N PRO D 305 -11.68 -26.16 -24.49
CA PRO D 305 -12.54 -26.52 -25.63
C PRO D 305 -13.38 -27.76 -25.35
N GLU D 306 -14.64 -27.70 -25.77
CA GLU D 306 -15.50 -28.88 -25.76
C GLU D 306 -15.06 -29.81 -26.88
N ILE D 307 -14.73 -31.06 -26.53
CA ILE D 307 -14.18 -31.98 -27.51
C ILE D 307 -15.23 -32.33 -28.54
N VAL D 308 -14.97 -31.96 -29.80
CA VAL D 308 -15.86 -32.26 -30.91
C VAL D 308 -15.25 -33.25 -31.89
N VAL D 309 -14.00 -33.66 -31.67
CA VAL D 309 -13.32 -34.63 -32.53
C VAL D 309 -12.67 -35.68 -31.64
N GLN D 310 -12.74 -36.94 -32.06
CA GLN D 310 -12.13 -38.05 -31.36
C GLN D 310 -11.08 -38.69 -32.26
N ALA D 311 -9.89 -38.92 -31.72
CA ALA D 311 -8.82 -39.56 -32.47
C ALA D 311 -8.83 -41.07 -32.22
N THR D 312 -8.48 -41.83 -33.25
CA THR D 312 -8.41 -43.28 -33.18
C THR D 312 -6.97 -43.69 -33.01
N VAL D 313 -6.67 -44.35 -31.89
CA VAL D 313 -5.29 -44.77 -31.59
C VAL D 313 -4.96 -46.01 -32.42
N LEU D 314 -3.87 -45.93 -33.16
CA LEU D 314 -3.42 -47.05 -34.00
C LEU D 314 -2.22 -47.73 -33.37
#